data_5WLX
#
_entry.id   5WLX
#
_entity_poly.entity_id   1
_entity_poly.type   'polypeptide(L)'
_entity_poly.pdbx_seq_one_letter_code
;GDCHKFLGWCRGEKDPCCEHLTCHVKHGWCVWDGTI(NH2)
;
_entity_poly.pdbx_strand_id   A
#
loop_
_chem_comp.id
_chem_comp.type
_chem_comp.name
_chem_comp.formula
NH2 non-polymer 'AMINO GROUP' 'H2 N'
#
# COMPACT_ATOMS: atom_id res chain seq x y z
N GLY A 1 -8.40 -3.68 -12.21
CA GLY A 1 -7.68 -4.05 -11.00
C GLY A 1 -7.60 -2.91 -10.01
N ASP A 2 -8.67 -2.71 -9.23
CA ASP A 2 -8.70 -1.65 -8.24
C ASP A 2 -7.48 -1.72 -7.32
N CYS A 3 -7.04 -0.55 -6.84
CA CYS A 3 -5.88 -0.48 -5.96
C CYS A 3 -6.32 -0.29 -4.51
N HIS A 4 -5.62 -0.97 -3.60
CA HIS A 4 -5.93 -0.88 -2.18
C HIS A 4 -5.96 0.58 -1.72
N LYS A 5 -6.95 0.90 -0.90
CA LYS A 5 -7.10 2.26 -0.39
C LYS A 5 -6.00 2.59 0.63
N PHE A 6 -5.75 3.88 0.82
CA PHE A 6 -4.72 4.32 1.76
C PHE A 6 -4.98 3.75 3.15
N LEU A 7 -3.90 3.47 3.88
CA LEU A 7 -4.01 2.92 5.23
C LEU A 7 -4.93 1.70 5.24
N GLY A 8 -4.87 0.90 4.18
CA GLY A 8 -5.69 -0.29 4.10
C GLY A 8 -5.08 -1.46 4.83
N TRP A 9 -4.93 -2.58 4.13
CA TRP A 9 -4.35 -3.79 4.72
C TRP A 9 -3.40 -4.46 3.75
N CYS A 10 -2.14 -4.60 4.16
CA CYS A 10 -1.12 -5.23 3.32
C CYS A 10 -0.70 -6.58 3.90
N ARG A 11 -0.66 -6.66 5.23
CA ARG A 11 -0.27 -7.88 5.91
C ARG A 11 -1.09 -9.07 5.41
N GLY A 12 -0.40 -10.13 4.99
CA GLY A 12 -1.09 -11.30 4.48
C GLY A 12 -1.25 -11.28 2.98
N GLU A 13 -1.42 -10.09 2.42
CA GLU A 13 -1.58 -9.94 0.98
C GLU A 13 -0.32 -9.38 0.33
N LYS A 14 -0.08 -9.75 -0.92
CA LYS A 14 1.09 -9.29 -1.65
C LYS A 14 0.70 -8.67 -2.98
N ASP A 15 -0.18 -7.66 -2.92
CA ASP A 15 -0.63 -6.98 -4.13
C ASP A 15 -0.18 -5.52 -4.14
N PRO A 16 -0.17 -4.91 -5.33
CA PRO A 16 0.24 -3.51 -5.50
C PRO A 16 -0.76 -2.54 -4.90
N CYS A 17 -0.32 -1.29 -4.71
CA CYS A 17 -1.18 -0.27 -4.13
C CYS A 17 -1.50 0.81 -5.16
N CYS A 18 -2.18 1.87 -4.73
CA CYS A 18 -2.54 2.97 -5.61
C CYS A 18 -1.31 3.77 -6.01
N GLU A 19 -1.54 4.86 -6.74
CA GLU A 19 -0.44 5.72 -7.20
C GLU A 19 0.27 6.37 -6.01
N HIS A 20 1.60 6.38 -6.05
CA HIS A 20 2.39 6.97 -4.99
C HIS A 20 2.20 6.21 -3.67
N LEU A 21 2.09 4.89 -3.78
CA LEU A 21 1.90 4.04 -2.60
C LEU A 21 2.72 2.76 -2.73
N THR A 22 2.99 2.13 -1.59
CA THR A 22 3.76 0.89 -1.57
C THR A 22 3.28 -0.04 -0.47
N CYS A 23 2.91 -1.26 -0.84
CA CYS A 23 2.44 -2.25 0.13
C CYS A 23 3.42 -2.41 1.28
N HIS A 24 3.07 -1.84 2.43
CA HIS A 24 3.93 -1.93 3.61
C HIS A 24 3.71 -3.23 4.35
N VAL A 25 4.75 -4.06 4.40
CA VAL A 25 4.68 -5.34 5.08
C VAL A 25 4.66 -5.17 6.59
N LYS A 26 5.63 -4.42 7.11
CA LYS A 26 5.73 -4.18 8.54
C LYS A 26 4.47 -3.50 9.07
N HIS A 27 4.25 -2.26 8.64
CA HIS A 27 3.08 -1.50 9.07
C HIS A 27 1.80 -2.27 8.78
N GLY A 28 1.65 -2.71 7.53
CA GLY A 28 0.47 -3.46 7.14
C GLY A 28 -0.56 -2.59 6.44
N TRP A 29 -0.09 -1.62 5.68
CA TRP A 29 -0.97 -0.71 4.95
C TRP A 29 -0.18 0.17 4.00
N CYS A 30 -0.75 0.41 2.82
CA CYS A 30 -0.10 1.24 1.82
C CYS A 30 0.20 2.64 2.36
N VAL A 31 1.41 3.11 2.15
CA VAL A 31 1.82 4.43 2.62
C VAL A 31 2.38 5.27 1.47
N TRP A 32 2.34 6.59 1.65
CA TRP A 32 2.84 7.50 0.64
C TRP A 32 4.31 7.23 0.33
N ASP A 33 4.69 7.39 -0.93
CA ASP A 33 6.07 7.15 -1.35
C ASP A 33 6.33 7.77 -2.72
N GLY A 34 7.48 8.44 -2.85
CA GLY A 34 7.82 9.08 -4.11
C GLY A 34 7.47 10.55 -4.13
N THR A 35 6.51 10.94 -3.31
CA THR A 35 6.07 12.33 -3.24
C THR A 35 6.71 13.05 -2.05
N ILE A 36 7.84 13.69 -2.29
CA ILE A 36 8.54 14.42 -1.23
C ILE A 36 9.62 15.31 -1.81
N NH2 A 37 9.68 16.56 -1.34
HN1 NH2 A 37 9.02 16.84 -0.65
HN2 NH2 A 37 10.35 17.22 -1.66
N GLY A 1 -7.38 -5.33 -10.42
CA GLY A 1 -7.98 -4.13 -11.01
C GLY A 1 -7.84 -2.92 -10.13
N ASP A 2 -8.72 -2.79 -9.15
CA ASP A 2 -8.71 -1.66 -8.23
C ASP A 2 -7.48 -1.73 -7.31
N CYS A 3 -7.04 -0.57 -6.83
CA CYS A 3 -5.88 -0.50 -5.95
C CYS A 3 -6.32 -0.31 -4.51
N HIS A 4 -5.62 -0.98 -3.60
CA HIS A 4 -5.94 -0.90 -2.17
C HIS A 4 -5.98 0.56 -1.72
N LYS A 5 -6.95 0.89 -0.88
CA LYS A 5 -7.10 2.24 -0.37
C LYS A 5 -6.01 2.58 0.64
N PHE A 6 -5.74 3.86 0.83
CA PHE A 6 -4.72 4.31 1.77
C PHE A 6 -4.98 3.75 3.16
N LEU A 7 -3.90 3.47 3.88
CA LEU A 7 -4.01 2.91 5.24
C LEU A 7 -4.91 1.70 5.26
N GLY A 8 -4.87 0.91 4.19
CA GLY A 8 -5.69 -0.28 4.11
C GLY A 8 -5.09 -1.46 4.84
N TRP A 9 -4.92 -2.57 4.14
CA TRP A 9 -4.34 -3.78 4.72
C TRP A 9 -3.40 -4.46 3.75
N CYS A 10 -2.13 -4.59 4.15
CA CYS A 10 -1.12 -5.23 3.31
C CYS A 10 -0.71 -6.57 3.89
N ARG A 11 -0.67 -6.66 5.21
CA ARG A 11 -0.28 -7.89 5.88
C ARG A 11 -1.11 -9.07 5.37
N GLY A 12 -0.43 -10.13 4.95
CA GLY A 12 -1.11 -11.30 4.44
C GLY A 12 -1.28 -11.27 2.94
N GLU A 13 -1.45 -10.08 2.39
CA GLU A 13 -1.63 -9.91 0.95
C GLU A 13 -0.36 -9.36 0.30
N LYS A 14 -0.09 -9.80 -0.92
CA LYS A 14 1.09 -9.36 -1.66
C LYS A 14 0.70 -8.71 -2.98
N ASP A 15 -0.16 -7.70 -2.92
CA ASP A 15 -0.62 -7.01 -4.12
C ASP A 15 -0.16 -5.56 -4.11
N PRO A 16 -0.14 -4.93 -5.28
CA PRO A 16 0.27 -3.53 -5.44
C PRO A 16 -0.73 -2.56 -4.82
N CYS A 17 -0.32 -1.29 -4.71
CA CYS A 17 -1.19 -0.27 -4.14
C CYS A 17 -1.50 0.81 -5.17
N CYS A 18 -2.19 1.87 -4.74
CA CYS A 18 -2.55 2.97 -5.61
C CYS A 18 -1.32 3.77 -6.03
N GLU A 19 -1.54 4.86 -6.75
CA GLU A 19 -0.45 5.71 -7.20
C GLU A 19 0.26 6.37 -6.02
N HIS A 20 1.59 6.37 -6.07
CA HIS A 20 2.38 6.97 -4.99
C HIS A 20 2.19 6.21 -3.69
N LEU A 21 2.09 4.88 -3.79
CA LEU A 21 1.90 4.04 -2.62
C LEU A 21 2.71 2.75 -2.74
N THR A 22 2.99 2.13 -1.61
CA THR A 22 3.75 0.89 -1.58
C THR A 22 3.28 -0.04 -0.47
N CYS A 23 2.92 -1.27 -0.84
CA CYS A 23 2.43 -2.25 0.12
C CYS A 23 3.42 -2.40 1.27
N HIS A 24 3.08 -1.84 2.42
CA HIS A 24 3.93 -1.92 3.60
C HIS A 24 3.72 -3.24 4.35
N VAL A 25 4.76 -4.05 4.41
CA VAL A 25 4.69 -5.34 5.09
C VAL A 25 4.67 -5.16 6.60
N LYS A 26 5.64 -4.41 7.11
CA LYS A 26 5.73 -4.16 8.54
C LYS A 26 4.47 -3.49 9.07
N HIS A 27 4.26 -2.24 8.64
CA HIS A 27 3.09 -1.48 9.07
C HIS A 27 1.80 -2.26 8.78
N GLY A 28 1.65 -2.70 7.53
CA GLY A 28 0.48 -3.45 7.14
C GLY A 28 -0.55 -2.59 6.44
N TRP A 29 -0.08 -1.61 5.67
CA TRP A 29 -0.97 -0.71 4.95
C TRP A 29 -0.18 0.17 3.99
N CYS A 30 -0.75 0.41 2.81
CA CYS A 30 -0.10 1.24 1.80
C CYS A 30 0.19 2.63 2.35
N VAL A 31 1.41 3.11 2.13
CA VAL A 31 1.81 4.43 2.61
C VAL A 31 2.38 5.27 1.47
N TRP A 32 2.33 6.59 1.63
CA TRP A 32 2.84 7.51 0.62
C TRP A 32 4.31 7.23 0.32
N ASP A 33 4.68 7.32 -0.95
CA ASP A 33 6.05 7.09 -1.36
C ASP A 33 6.41 7.93 -2.59
N GLY A 34 7.45 8.75 -2.46
CA GLY A 34 7.86 9.61 -3.56
C GLY A 34 7.44 11.04 -3.36
N THR A 35 6.39 11.26 -2.57
CA THR A 35 5.89 12.59 -2.31
C THR A 35 6.70 13.29 -1.23
N ILE A 36 7.57 14.22 -1.64
CA ILE A 36 8.40 14.95 -0.70
C ILE A 36 8.09 16.44 -0.75
N NH2 A 37 8.12 17.08 0.42
HN1 NH2 A 37 8.34 16.58 1.23
HN2 NH2 A 37 7.93 18.05 0.49
N GLY A 1 -6.38 -4.21 -12.06
CA GLY A 1 -7.47 -4.19 -11.10
C GLY A 1 -7.38 -3.00 -10.16
N ASP A 2 -8.45 -2.77 -9.41
CA ASP A 2 -8.50 -1.66 -8.46
C ASP A 2 -7.31 -1.71 -7.51
N CYS A 3 -6.91 -0.54 -7.01
CA CYS A 3 -5.79 -0.44 -6.08
C CYS A 3 -6.28 -0.28 -4.64
N HIS A 4 -5.58 -0.93 -3.71
CA HIS A 4 -5.94 -0.86 -2.30
C HIS A 4 -5.98 0.59 -1.83
N LYS A 5 -6.99 0.92 -1.03
CA LYS A 5 -7.15 2.28 -0.51
C LYS A 5 -6.06 2.59 0.50
N PHE A 6 -5.81 3.89 0.72
CA PHE A 6 -4.80 4.32 1.67
C PHE A 6 -5.01 3.68 3.03
N LEU A 7 -3.92 3.40 3.73
CA LEU A 7 -3.99 2.80 5.05
C LEU A 7 -4.83 1.52 5.02
N GLY A 8 -4.73 0.79 3.91
CA GLY A 8 -5.49 -0.45 3.78
C GLY A 8 -4.88 -1.59 4.57
N TRP A 9 -4.88 -2.78 3.98
CA TRP A 9 -4.31 -3.95 4.63
C TRP A 9 -3.41 -4.74 3.69
N CYS A 10 -2.14 -4.88 4.07
CA CYS A 10 -1.18 -5.61 3.26
C CYS A 10 -0.81 -6.94 3.90
N ARG A 11 -0.75 -6.95 5.23
CA ARG A 11 -0.41 -8.17 5.96
C ARG A 11 -1.29 -9.33 5.53
N GLY A 12 -0.68 -10.33 4.89
CA GLY A 12 -1.43 -11.48 4.43
C GLY A 12 -1.65 -11.47 2.93
N GLU A 13 -1.79 -10.28 2.37
CA GLU A 13 -2.02 -10.14 0.92
C GLU A 13 -0.87 -9.40 0.27
N LYS A 14 -0.22 -10.04 -0.70
CA LYS A 14 0.90 -9.45 -1.41
C LYS A 14 0.44 -8.78 -2.70
N ASP A 15 -0.33 -7.70 -2.56
CA ASP A 15 -0.84 -6.98 -3.73
C ASP A 15 -0.27 -5.57 -3.78
N PRO A 16 -0.33 -4.95 -4.96
CA PRO A 16 0.19 -3.59 -5.17
C PRO A 16 -0.67 -2.53 -4.47
N CYS A 17 -0.38 -1.27 -4.75
CA CYS A 17 -1.13 -0.17 -4.15
C CYS A 17 -1.44 0.91 -5.19
N CYS A 18 -2.13 1.95 -4.76
CA CYS A 18 -2.50 3.05 -5.65
C CYS A 18 -1.27 3.86 -6.04
N GLU A 19 -1.50 4.96 -6.77
CA GLU A 19 -0.40 5.82 -7.21
C GLU A 19 0.27 6.49 -6.01
N HIS A 20 1.60 6.55 -6.04
CA HIS A 20 2.37 7.16 -4.96
C HIS A 20 2.19 6.39 -3.66
N LEU A 21 2.15 5.06 -3.77
CA LEU A 21 1.98 4.21 -2.59
C LEU A 21 2.86 2.96 -2.70
N THR A 22 3.13 2.34 -1.55
CA THR A 22 3.96 1.14 -1.51
C THR A 22 3.49 0.19 -0.43
N CYS A 23 3.13 -1.03 -0.82
CA CYS A 23 2.67 -2.04 0.12
C CYS A 23 3.64 -2.20 1.27
N HIS A 24 3.28 -1.67 2.44
CA HIS A 24 4.12 -1.75 3.62
C HIS A 24 3.94 -3.09 4.32
N VAL A 25 5.02 -3.86 4.40
CA VAL A 25 4.99 -5.17 5.03
C VAL A 25 4.93 -5.03 6.56
N LYS A 26 5.86 -4.27 7.11
CA LYS A 26 5.91 -4.05 8.55
C LYS A 26 4.61 -3.42 9.05
N HIS A 27 4.38 -2.17 8.67
CA HIS A 27 3.18 -1.45 9.08
C HIS A 27 1.92 -2.26 8.75
N GLY A 28 1.81 -2.69 7.49
CA GLY A 28 0.67 -3.47 7.08
C GLY A 28 -0.38 -2.63 6.37
N TRP A 29 0.08 -1.62 5.63
CA TRP A 29 -0.82 -0.73 4.90
C TRP A 29 -0.05 0.19 3.96
N CYS A 30 -0.61 0.44 2.79
CA CYS A 30 0.04 1.30 1.80
C CYS A 30 0.25 2.70 2.36
N VAL A 31 1.46 3.23 2.17
CA VAL A 31 1.79 4.56 2.65
C VAL A 31 2.30 5.46 1.52
N TRP A 32 2.19 6.76 1.69
CA TRP A 32 2.64 7.71 0.69
C TRP A 32 4.13 7.53 0.40
N ASP A 33 4.44 7.16 -0.85
CA ASP A 33 5.82 6.94 -1.26
C ASP A 33 5.94 6.96 -2.77
N GLY A 34 7.18 6.85 -3.27
CA GLY A 34 7.41 6.86 -4.69
C GLY A 34 7.71 8.24 -5.23
N THR A 35 7.25 9.26 -4.52
CA THR A 35 7.48 10.64 -4.93
C THR A 35 8.48 11.33 -4.02
N ILE A 36 9.73 11.41 -4.46
CA ILE A 36 10.78 12.05 -3.69
C ILE A 36 10.69 13.57 -3.79
N NH2 A 37 10.85 14.24 -2.65
HN1 NH2 A 37 11.02 13.74 -1.82
HN2 NH2 A 37 10.81 15.24 -2.62
N GLY A 1 -8.83 -4.85 -11.60
CA GLY A 1 -8.42 -4.88 -10.21
C GLY A 1 -8.04 -3.51 -9.70
N ASP A 2 -8.91 -2.92 -8.90
CA ASP A 2 -8.66 -1.59 -8.33
C ASP A 2 -7.46 -1.62 -7.38
N CYS A 3 -6.95 -0.45 -7.04
CA CYS A 3 -5.80 -0.34 -6.15
C CYS A 3 -6.26 -0.19 -4.70
N HIS A 4 -5.58 -0.88 -3.80
CA HIS A 4 -5.91 -0.82 -2.38
C HIS A 4 -5.93 0.62 -1.88
N LYS A 5 -6.99 0.97 -1.16
CA LYS A 5 -7.14 2.32 -0.62
C LYS A 5 -6.06 2.61 0.42
N PHE A 6 -5.80 3.90 0.65
CA PHE A 6 -4.79 4.31 1.62
C PHE A 6 -5.03 3.65 2.97
N LEU A 7 -3.94 3.37 3.68
CA LEU A 7 -4.02 2.72 4.98
C LEU A 7 -4.83 1.43 4.90
N GLY A 8 -4.70 0.73 3.79
CA GLY A 8 -5.43 -0.52 3.61
C GLY A 8 -4.87 -1.65 4.46
N TRP A 9 -4.70 -2.82 3.86
CA TRP A 9 -4.18 -3.97 4.59
C TRP A 9 -3.28 -4.81 3.69
N CYS A 10 -2.01 -4.96 4.10
CA CYS A 10 -1.05 -5.73 3.32
C CYS A 10 -0.73 -7.04 4.03
N ARG A 11 -0.69 -7.00 5.36
CA ARG A 11 -0.39 -8.19 6.15
C ARG A 11 -1.27 -9.36 5.73
N GLY A 12 -0.65 -10.41 5.21
CA GLY A 12 -1.40 -11.58 4.78
C GLY A 12 -1.60 -11.62 3.28
N GLU A 13 -1.72 -10.45 2.67
CA GLU A 13 -1.93 -10.35 1.23
C GLU A 13 -0.67 -9.84 0.54
N LYS A 14 -0.64 -9.95 -0.79
CA LYS A 14 0.49 -9.50 -1.57
C LYS A 14 0.03 -8.82 -2.85
N ASP A 15 -0.69 -7.71 -2.70
CA ASP A 15 -1.18 -6.95 -3.84
C ASP A 15 -0.56 -5.56 -3.89
N PRO A 16 -0.60 -4.94 -5.08
CA PRO A 16 -0.04 -3.60 -5.29
C PRO A 16 -0.84 -2.52 -4.58
N CYS A 17 -0.48 -1.26 -4.82
CA CYS A 17 -1.17 -0.13 -4.20
C CYS A 17 -1.46 0.94 -5.24
N CYS A 18 -2.15 2.00 -4.80
CA CYS A 18 -2.50 3.10 -5.68
C CYS A 18 -1.26 3.91 -6.07
N GLU A 19 -1.47 5.00 -6.78
CA GLU A 19 -0.37 5.86 -7.21
C GLU A 19 0.31 6.52 -6.01
N HIS A 20 1.63 6.56 -6.03
CA HIS A 20 2.41 7.15 -4.96
C HIS A 20 2.21 6.37 -3.65
N LEU A 21 2.17 5.05 -3.77
CA LEU A 21 1.99 4.19 -2.61
C LEU A 21 2.87 2.94 -2.70
N THR A 22 3.14 2.32 -1.57
CA THR A 22 3.97 1.12 -1.52
C THR A 22 3.49 0.16 -0.43
N CYS A 23 3.14 -1.06 -0.83
CA CYS A 23 2.68 -2.06 0.12
C CYS A 23 3.66 -2.21 1.28
N HIS A 24 3.29 -1.67 2.43
CA HIS A 24 4.13 -1.74 3.63
C HIS A 24 3.95 -3.09 4.33
N VAL A 25 5.03 -3.85 4.39
CA VAL A 25 5.00 -5.16 5.05
C VAL A 25 4.95 -5.02 6.56
N LYS A 26 5.86 -4.23 7.12
CA LYS A 26 5.91 -4.01 8.56
C LYS A 26 4.61 -3.39 9.06
N HIS A 27 4.36 -2.15 8.66
CA HIS A 27 3.14 -1.45 9.06
C HIS A 27 1.90 -2.26 8.73
N GLY A 28 1.81 -2.70 7.48
CA GLY A 28 0.67 -3.49 7.05
C GLY A 28 -0.38 -2.65 6.34
N TRP A 29 0.07 -1.66 5.59
CA TRP A 29 -0.83 -0.78 4.86
C TRP A 29 -0.06 0.15 3.92
N CYS A 30 -0.61 0.39 2.74
CA CYS A 30 0.03 1.25 1.76
C CYS A 30 0.23 2.66 2.32
N VAL A 31 1.43 3.20 2.13
CA VAL A 31 1.75 4.53 2.62
C VAL A 31 2.30 5.42 1.50
N TRP A 32 2.18 6.72 1.67
CA TRP A 32 2.67 7.67 0.68
C TRP A 32 4.15 7.48 0.41
N ASP A 33 4.56 7.67 -0.84
CA ASP A 33 5.96 7.51 -1.22
C ASP A 33 6.32 8.46 -2.36
N GLY A 34 7.35 9.27 -2.14
CA GLY A 34 7.78 10.21 -3.16
C GLY A 34 7.23 11.60 -2.92
N THR A 35 6.11 11.68 -2.21
CA THR A 35 5.47 12.96 -1.92
C THR A 35 6.34 13.79 -0.97
N ILE A 36 6.16 15.11 -1.02
CA ILE A 36 6.91 16.02 -0.17
C ILE A 36 6.02 16.63 0.90
N NH2 A 37 6.61 16.95 2.05
HN1 NH2 A 37 7.56 16.78 2.15
HN2 NH2 A 37 6.10 17.37 2.80
N GLY A 1 -7.18 -5.63 -10.15
CA GLY A 1 -7.92 -4.53 -10.73
C GLY A 1 -7.68 -3.23 -10.00
N ASP A 2 -8.66 -2.80 -9.22
CA ASP A 2 -8.55 -1.56 -8.46
C ASP A 2 -7.34 -1.59 -7.53
N CYS A 3 -6.95 -0.43 -7.04
CA CYS A 3 -5.80 -0.32 -6.14
C CYS A 3 -6.27 -0.17 -4.69
N HIS A 4 -5.58 -0.87 -3.79
CA HIS A 4 -5.92 -0.81 -2.36
C HIS A 4 -5.96 0.64 -1.87
N LYS A 5 -7.01 0.97 -1.13
CA LYS A 5 -7.16 2.32 -0.59
C LYS A 5 -6.08 2.62 0.44
N PHE A 6 -5.81 3.91 0.66
CA PHE A 6 -4.81 4.33 1.61
C PHE A 6 -5.05 3.68 2.98
N LEU A 7 -3.96 3.37 3.68
CA LEU A 7 -4.05 2.73 4.99
C LEU A 7 -4.88 1.45 4.92
N GLY A 8 -4.71 0.69 3.85
CA GLY A 8 -5.44 -0.54 3.69
C GLY A 8 -4.88 -1.66 4.53
N TRP A 9 -4.70 -2.84 3.92
CA TRP A 9 -4.18 -4.00 4.63
C TRP A 9 -3.27 -4.82 3.72
N CYS A 10 -2.02 -4.96 4.11
CA CYS A 10 -1.05 -5.73 3.34
C CYS A 10 -0.72 -7.05 4.03
N ARG A 11 -0.68 -7.02 5.35
CA ARG A 11 -0.38 -8.21 6.14
C ARG A 11 -1.25 -9.39 5.72
N GLY A 12 -0.62 -10.42 5.17
CA GLY A 12 -1.37 -11.59 4.74
C GLY A 12 -1.57 -11.62 3.23
N GLU A 13 -1.70 -10.45 2.63
CA GLU A 13 -1.91 -10.33 1.19
C GLU A 13 -0.64 -9.83 0.50
N LYS A 14 -0.62 -9.93 -0.83
CA LYS A 14 0.53 -9.49 -1.60
C LYS A 14 0.08 -8.80 -2.89
N ASP A 15 -0.66 -7.70 -2.74
CA ASP A 15 -1.14 -6.95 -3.88
C ASP A 15 -0.52 -5.55 -3.92
N PRO A 16 -0.56 -4.92 -5.11
CA PRO A 16 -0.01 -3.58 -5.31
C PRO A 16 -0.83 -2.50 -4.60
N CYS A 17 -0.46 -1.24 -4.82
CA CYS A 17 -1.16 -0.12 -4.20
C CYS A 17 -1.46 0.97 -5.24
N CYS A 18 -2.14 2.01 -4.80
CA CYS A 18 -2.50 3.12 -5.68
C CYS A 18 -1.25 3.92 -6.06
N GLU A 19 -1.46 5.02 -6.78
CA GLU A 19 -0.36 5.88 -7.20
C GLU A 19 0.32 6.53 -6.00
N HIS A 20 1.65 6.56 -6.03
CA HIS A 20 2.43 7.14 -4.94
C HIS A 20 2.23 6.36 -3.65
N LEU A 21 2.18 5.04 -3.76
CA LEU A 21 1.99 4.18 -2.60
C LEU A 21 2.87 2.92 -2.71
N THR A 22 3.13 2.30 -1.57
CA THR A 22 3.95 1.09 -1.54
C THR A 22 3.48 0.15 -0.44
N CYS A 23 3.15 -1.08 -0.83
CA CYS A 23 2.69 -2.09 0.12
C CYS A 23 3.66 -2.22 1.29
N HIS A 24 3.28 -1.67 2.44
CA HIS A 24 4.12 -1.73 3.63
C HIS A 24 3.94 -3.06 4.36
N VAL A 25 5.01 -3.85 4.40
CA VAL A 25 4.97 -5.15 5.07
C VAL A 25 4.92 -4.99 6.58
N LYS A 26 5.85 -4.21 7.12
CA LYS A 26 5.91 -3.97 8.56
C LYS A 26 4.61 -3.36 9.07
N HIS A 27 4.34 -2.12 8.65
CA HIS A 27 3.13 -1.42 9.07
C HIS A 27 1.89 -2.25 8.74
N GLY A 28 1.80 -2.68 7.48
CA GLY A 28 0.65 -3.47 7.06
C GLY A 28 -0.39 -2.65 6.33
N TRP A 29 0.06 -1.64 5.60
CA TRP A 29 -0.85 -0.76 4.86
C TRP A 29 -0.07 0.16 3.92
N CYS A 30 -0.62 0.39 2.74
CA CYS A 30 0.02 1.26 1.76
C CYS A 30 0.23 2.66 2.32
N VAL A 31 1.42 3.21 2.13
CA VAL A 31 1.75 4.55 2.62
C VAL A 31 2.30 5.42 1.50
N TRP A 32 2.18 6.72 1.67
CA TRP A 32 2.68 7.67 0.68
C TRP A 32 4.17 7.47 0.41
N ASP A 33 4.56 7.60 -0.84
CA ASP A 33 5.96 7.44 -1.22
C ASP A 33 6.27 8.18 -2.51
N GLY A 34 7.28 9.04 -2.47
CA GLY A 34 7.66 9.80 -3.64
C GLY A 34 6.99 11.16 -3.69
N THR A 35 5.86 11.30 -3.00
CA THR A 35 5.13 12.55 -2.97
C THR A 35 5.79 13.55 -2.03
N ILE A 36 6.78 14.26 -2.54
CA ILE A 36 7.50 15.25 -1.74
C ILE A 36 7.44 16.63 -2.40
N NH2 A 37 7.66 17.67 -1.60
HN1 NH2 A 37 7.84 17.51 -0.65
HN2 NH2 A 37 7.64 18.60 -1.94
N GLY A 1 -7.72 -5.74 -9.81
CA GLY A 1 -8.06 -4.58 -10.63
C GLY A 1 -7.77 -3.27 -9.93
N ASP A 2 -8.74 -2.77 -9.19
CA ASP A 2 -8.59 -1.51 -8.47
C ASP A 2 -7.38 -1.56 -7.54
N CYS A 3 -6.96 -0.40 -7.06
CA CYS A 3 -5.81 -0.31 -6.16
C CYS A 3 -6.27 -0.16 -4.72
N HIS A 4 -5.59 -0.85 -3.81
CA HIS A 4 -5.93 -0.80 -2.39
C HIS A 4 -5.96 0.64 -1.90
N LYS A 5 -7.01 0.99 -1.15
CA LYS A 5 -7.15 2.33 -0.61
C LYS A 5 -6.07 2.62 0.42
N PHE A 6 -5.80 3.91 0.65
CA PHE A 6 -4.80 4.32 1.61
C PHE A 6 -5.03 3.66 2.96
N LEU A 7 -3.95 3.36 3.67
CA LEU A 7 -4.03 2.72 4.98
C LEU A 7 -4.84 1.43 4.90
N GLY A 8 -4.71 0.72 3.78
CA GLY A 8 -5.42 -0.53 3.60
C GLY A 8 -4.87 -1.65 4.46
N TRP A 9 -4.70 -2.82 3.86
CA TRP A 9 -4.18 -3.97 4.58
C TRP A 9 -3.27 -4.81 3.69
N CYS A 10 -2.01 -4.96 4.10
CA CYS A 10 -1.05 -5.74 3.32
C CYS A 10 -0.71 -7.04 4.04
N ARG A 11 -0.69 -7.00 5.37
CA ARG A 11 -0.38 -8.18 6.16
C ARG A 11 -1.26 -9.36 5.75
N GLY A 12 -0.64 -10.41 5.22
CA GLY A 12 -1.38 -11.57 4.79
C GLY A 12 -1.58 -11.63 3.29
N GLU A 13 -1.70 -10.45 2.67
CA GLU A 13 -1.89 -10.38 1.23
C GLU A 13 -0.64 -9.83 0.54
N LYS A 14 -0.60 -9.95 -0.78
CA LYS A 14 0.54 -9.47 -1.56
C LYS A 14 0.08 -8.79 -2.84
N ASP A 15 -0.66 -7.68 -2.69
CA ASP A 15 -1.16 -6.94 -3.83
C ASP A 15 -0.54 -5.55 -3.89
N PRO A 16 -0.58 -4.92 -5.08
CA PRO A 16 -0.03 -3.58 -5.29
C PRO A 16 -0.84 -2.50 -4.58
N CYS A 17 -0.47 -1.24 -4.82
CA CYS A 17 -1.16 -0.12 -4.20
C CYS A 17 -1.46 0.97 -5.23
N CYS A 18 -2.15 2.01 -4.79
CA CYS A 18 -2.50 3.12 -5.68
C CYS A 18 -1.26 3.93 -6.05
N GLU A 19 -1.47 5.03 -6.77
CA GLU A 19 -0.37 5.89 -7.19
C GLU A 19 0.31 6.53 -5.99
N HIS A 20 1.65 6.57 -6.02
CA HIS A 20 2.41 7.15 -4.93
C HIS A 20 2.22 6.37 -3.64
N LEU A 21 2.17 5.05 -3.76
CA LEU A 21 2.00 4.19 -2.60
C LEU A 21 2.87 2.94 -2.70
N THR A 22 3.14 2.32 -1.57
CA THR A 22 3.96 1.11 -1.53
C THR A 22 3.48 0.16 -0.44
N CYS A 23 3.14 -1.06 -0.83
CA CYS A 23 2.68 -2.08 0.11
C CYS A 23 3.66 -2.22 1.28
N HIS A 24 3.28 -1.68 2.43
CA HIS A 24 4.13 -1.75 3.62
C HIS A 24 3.95 -3.09 4.32
N VAL A 25 5.03 -3.86 4.40
CA VAL A 25 5.00 -5.17 5.04
C VAL A 25 4.93 -5.02 6.56
N LYS A 26 5.86 -4.24 7.11
CA LYS A 26 5.91 -4.02 8.55
C LYS A 26 4.61 -3.40 9.05
N HIS A 27 4.35 -2.15 8.66
CA HIS A 27 3.14 -1.46 9.07
C HIS A 27 1.90 -2.28 8.73
N GLY A 28 1.80 -2.71 7.47
CA GLY A 28 0.66 -3.49 7.05
C GLY A 28 -0.39 -2.66 6.33
N TRP A 29 0.06 -1.65 5.59
CA TRP A 29 -0.84 -0.78 4.86
C TRP A 29 -0.06 0.15 3.93
N CYS A 30 -0.62 0.39 2.74
CA CYS A 30 0.03 1.25 1.76
C CYS A 30 0.24 2.67 2.33
N VAL A 31 1.43 3.20 2.14
CA VAL A 31 1.75 4.54 2.63
C VAL A 31 2.30 5.42 1.51
N TRP A 32 2.18 6.73 1.68
CA TRP A 32 2.67 7.68 0.69
C TRP A 32 4.16 7.48 0.42
N ASP A 33 4.56 7.61 -0.84
CA ASP A 33 5.95 7.45 -1.22
C ASP A 33 6.24 8.16 -2.53
N GLY A 34 7.38 8.86 -2.58
CA GLY A 34 7.75 9.58 -3.79
C GLY A 34 7.54 11.07 -3.65
N THR A 35 6.65 11.47 -2.75
CA THR A 35 6.35 12.87 -2.53
C THR A 35 7.03 13.38 -1.27
N ILE A 36 8.01 14.26 -1.45
CA ILE A 36 8.74 14.83 -0.32
C ILE A 36 9.02 16.31 -0.54
N NH2 A 37 9.04 17.06 0.57
HN1 NH2 A 37 8.89 16.64 1.44
HN2 NH2 A 37 9.22 18.04 0.52
N GLY A 1 -8.05 -3.28 -12.43
CA GLY A 1 -7.39 -3.75 -11.22
C GLY A 1 -7.40 -2.71 -10.12
N ASP A 2 -8.47 -2.71 -9.32
CA ASP A 2 -8.61 -1.76 -8.22
C ASP A 2 -7.39 -1.81 -7.31
N CYS A 3 -6.98 -0.65 -6.82
CA CYS A 3 -5.82 -0.55 -5.95
C CYS A 3 -6.25 -0.41 -4.49
N HIS A 4 -5.49 -1.03 -3.59
CA HIS A 4 -5.79 -0.98 -2.16
C HIS A 4 -5.88 0.47 -1.69
N LYS A 5 -6.94 0.78 -0.93
CA LYS A 5 -7.14 2.13 -0.40
C LYS A 5 -6.05 2.48 0.59
N PHE A 6 -5.77 3.78 0.72
CA PHE A 6 -4.75 4.25 1.65
C PHE A 6 -4.98 3.71 3.05
N LEU A 7 -3.89 3.44 3.76
CA LEU A 7 -3.99 2.92 5.12
C LEU A 7 -4.89 1.69 5.17
N GLY A 8 -4.84 0.88 4.12
CA GLY A 8 -5.66 -0.31 4.06
C GLY A 8 -5.02 -1.49 4.79
N TRP A 9 -5.05 -2.65 4.16
CA TRP A 9 -4.47 -3.85 4.75
C TRP A 9 -3.59 -4.59 3.76
N CYS A 10 -2.32 -4.76 4.11
CA CYS A 10 -1.36 -5.44 3.24
C CYS A 10 -0.94 -6.78 3.85
N ARG A 11 -0.82 -6.81 5.17
CA ARG A 11 -0.41 -8.02 5.87
C ARG A 11 -1.27 -9.20 5.45
N GLY A 12 -0.63 -10.19 4.84
CA GLY A 12 -1.36 -11.38 4.39
C GLY A 12 -1.54 -11.40 2.89
N GLU A 13 -1.70 -10.22 2.29
CA GLU A 13 -1.89 -10.12 0.85
C GLU A 13 -0.56 -9.84 0.14
N LYS A 14 -0.56 -9.97 -1.18
CA LYS A 14 0.63 -9.73 -1.98
C LYS A 14 0.30 -8.96 -3.25
N ASP A 15 -0.48 -7.90 -3.10
CA ASP A 15 -0.87 -7.08 -4.24
C ASP A 15 -0.30 -5.67 -4.12
N PRO A 16 -0.23 -4.96 -5.25
CA PRO A 16 0.30 -3.60 -5.30
C PRO A 16 -0.63 -2.59 -4.63
N CYS A 17 -0.32 -1.31 -4.78
CA CYS A 17 -1.11 -0.24 -4.17
C CYS A 17 -1.45 0.83 -5.20
N CYS A 18 -2.14 1.87 -4.75
CA CYS A 18 -2.53 2.98 -5.62
C CYS A 18 -1.30 3.79 -6.03
N GLU A 19 -1.54 4.89 -6.75
CA GLU A 19 -0.46 5.76 -7.19
C GLU A 19 0.24 6.42 -6.01
N HIS A 20 1.56 6.46 -6.06
CA HIS A 20 2.36 7.06 -4.99
C HIS A 20 2.17 6.29 -3.68
N LEU A 21 2.13 4.97 -3.78
CA LEU A 21 1.96 4.13 -2.60
C LEU A 21 2.83 2.88 -2.71
N THR A 22 3.10 2.26 -1.55
CA THR A 22 3.92 1.05 -1.51
C THR A 22 3.46 0.11 -0.41
N CYS A 23 3.11 -1.12 -0.80
CA CYS A 23 2.64 -2.12 0.15
C CYS A 23 3.62 -2.26 1.32
N HIS A 24 3.24 -1.70 2.47
CA HIS A 24 4.07 -1.75 3.66
C HIS A 24 3.88 -3.07 4.40
N VAL A 25 4.95 -3.86 4.51
CA VAL A 25 4.90 -5.15 5.18
C VAL A 25 4.86 -4.97 6.70
N LYS A 26 5.81 -4.20 7.22
CA LYS A 26 5.88 -3.93 8.65
C LYS A 26 4.59 -3.30 9.16
N HIS A 27 4.35 -2.06 8.73
CA HIS A 27 3.15 -1.33 9.14
C HIS A 27 1.89 -2.15 8.83
N GLY A 28 1.77 -2.61 7.60
CA GLY A 28 0.61 -3.39 7.20
C GLY A 28 -0.42 -2.56 6.47
N TRP A 29 0.04 -1.59 5.69
CA TRP A 29 -0.85 -0.72 4.95
C TRP A 29 -0.06 0.18 3.99
N CYS A 30 -0.62 0.40 2.81
CA CYS A 30 0.03 1.24 1.80
C CYS A 30 0.25 2.66 2.34
N VAL A 31 1.45 3.18 2.13
CA VAL A 31 1.79 4.52 2.59
C VAL A 31 2.36 5.37 1.46
N TRP A 32 2.26 6.68 1.60
CA TRP A 32 2.77 7.60 0.59
C TRP A 32 4.24 7.32 0.28
N ASP A 33 4.61 7.46 -0.98
CA ASP A 33 5.98 7.22 -1.40
C ASP A 33 6.43 8.29 -2.40
N GLY A 34 7.58 8.91 -2.12
CA GLY A 34 8.11 9.93 -3.00
C GLY A 34 7.79 11.33 -2.51
N THR A 35 6.73 11.45 -1.71
CA THR A 35 6.32 12.74 -1.17
C THR A 35 7.36 13.29 -0.21
N ILE A 36 7.90 14.47 -0.54
CA ILE A 36 8.91 15.11 0.30
C ILE A 36 8.63 16.60 0.45
N NH2 A 37 9.25 17.21 1.44
HN1 NH2 A 37 9.85 16.70 2.02
HN2 NH2 A 37 9.14 18.19 1.61
N GLY A 1 -9.25 -4.52 -11.34
CA GLY A 1 -7.90 -4.36 -10.85
C GLY A 1 -7.74 -3.12 -9.98
N ASP A 2 -8.73 -2.88 -9.11
CA ASP A 2 -8.69 -1.73 -8.23
C ASP A 2 -7.47 -1.78 -7.32
N CYS A 3 -7.04 -0.62 -6.84
CA CYS A 3 -5.88 -0.53 -5.96
C CYS A 3 -6.31 -0.35 -4.51
N HIS A 4 -5.61 -1.02 -3.60
CA HIS A 4 -5.91 -0.92 -2.18
C HIS A 4 -5.96 0.53 -1.73
N LYS A 5 -6.95 0.87 -0.90
CA LYS A 5 -7.09 2.23 -0.40
C LYS A 5 -5.99 2.56 0.59
N PHE A 6 -5.74 3.86 0.79
CA PHE A 6 -4.71 4.30 1.72
C PHE A 6 -4.96 3.76 3.12
N LEU A 7 -3.88 3.49 3.84
CA LEU A 7 -3.98 2.96 5.20
C LEU A 7 -4.88 1.73 5.24
N GLY A 8 -4.81 0.92 4.19
CA GLY A 8 -5.62 -0.28 4.12
C GLY A 8 -4.98 -1.45 4.84
N TRP A 9 -4.88 -2.59 4.16
CA TRP A 9 -4.29 -3.78 4.75
C TRP A 9 -3.37 -4.48 3.76
N CYS A 10 -2.10 -4.62 4.12
CA CYS A 10 -1.12 -5.26 3.26
C CYS A 10 -0.72 -6.62 3.82
N ARG A 11 -0.66 -6.72 5.14
CA ARG A 11 -0.30 -7.97 5.80
C ARG A 11 -1.15 -9.12 5.29
N GLY A 12 -0.50 -10.17 4.80
CA GLY A 12 -1.21 -11.32 4.28
C GLY A 12 -1.43 -11.25 2.78
N GLU A 13 -1.60 -10.04 2.27
CA GLU A 13 -1.82 -9.84 0.84
C GLU A 13 -0.58 -9.23 0.18
N LYS A 14 -0.03 -9.93 -0.81
CA LYS A 14 1.15 -9.46 -1.53
C LYS A 14 0.76 -8.80 -2.85
N ASP A 15 -0.11 -7.79 -2.76
CA ASP A 15 -0.55 -7.07 -3.95
C ASP A 15 -0.09 -5.62 -3.92
N PRO A 16 -0.06 -4.98 -5.10
CA PRO A 16 0.35 -3.58 -5.23
C PRO A 16 -0.64 -2.61 -4.60
N CYS A 17 -0.32 -1.32 -4.65
CA CYS A 17 -1.18 -0.30 -4.10
C CYS A 17 -1.50 0.77 -5.13
N CYS A 18 -2.19 1.83 -4.71
CA CYS A 18 -2.57 2.91 -5.59
C CYS A 18 -1.34 3.72 -6.01
N GLU A 19 -1.57 4.81 -6.75
CA GLU A 19 -0.48 5.66 -7.21
C GLU A 19 0.22 6.33 -6.04
N HIS A 20 1.55 6.37 -6.10
CA HIS A 20 2.34 6.98 -5.03
C HIS A 20 2.16 6.22 -3.72
N LEU A 21 2.07 4.90 -3.81
CA LEU A 21 1.91 4.07 -2.63
C LEU A 21 2.74 2.79 -2.73
N THR A 22 3.00 2.16 -1.60
CA THR A 22 3.78 0.93 -1.56
C THR A 22 3.29 -0.01 -0.46
N CYS A 23 2.94 -1.23 -0.85
CA CYS A 23 2.46 -2.22 0.11
C CYS A 23 3.45 -2.40 1.26
N HIS A 24 3.10 -1.83 2.41
CA HIS A 24 3.95 -1.93 3.60
C HIS A 24 3.72 -3.24 4.33
N VAL A 25 4.75 -4.07 4.39
CA VAL A 25 4.66 -5.36 5.07
C VAL A 25 4.65 -5.19 6.58
N LYS A 26 5.63 -4.45 7.09
CA LYS A 26 5.74 -4.21 8.53
C LYS A 26 4.49 -3.52 9.06
N HIS A 27 4.28 -2.27 8.64
CA HIS A 27 3.11 -1.51 9.07
C HIS A 27 1.82 -2.27 8.78
N GLY A 28 1.67 -2.71 7.54
CA GLY A 28 0.48 -3.45 7.15
C GLY A 28 -0.54 -2.57 6.46
N TRP A 29 -0.06 -1.59 5.70
CA TRP A 29 -0.94 -0.68 4.98
C TRP A 29 -0.14 0.20 4.01
N CYS A 30 -0.72 0.45 2.84
CA CYS A 30 -0.07 1.27 1.83
C CYS A 30 0.23 2.67 2.37
N VAL A 31 1.45 3.14 2.15
CA VAL A 31 1.86 4.46 2.61
C VAL A 31 2.39 5.31 1.47
N TRP A 32 2.34 6.62 1.63
CA TRP A 32 2.81 7.55 0.61
C TRP A 32 4.29 7.29 0.28
N ASP A 33 4.62 7.35 -1.00
CA ASP A 33 5.99 7.13 -1.45
C ASP A 33 6.36 8.06 -2.60
N GLY A 34 7.58 8.58 -2.57
CA GLY A 34 8.03 9.47 -3.62
C GLY A 34 8.06 10.92 -3.17
N THR A 35 7.26 11.24 -2.15
CA THR A 35 7.19 12.60 -1.63
C THR A 35 6.99 13.61 -2.75
N ILE A 36 6.12 13.28 -3.70
CA ILE A 36 5.84 14.16 -4.83
C ILE A 36 5.37 15.54 -4.34
N NH2 A 37 5.88 16.58 -4.98
HN1 NH2 A 37 6.52 16.43 -5.71
HN2 NH2 A 37 5.64 17.52 -4.73
N GLY A 1 -6.03 -3.71 -11.94
CA GLY A 1 -7.34 -3.63 -11.32
C GLY A 1 -7.38 -2.60 -10.20
N ASP A 2 -8.44 -2.65 -9.39
CA ASP A 2 -8.59 -1.72 -8.27
C ASP A 2 -7.37 -1.75 -7.37
N CYS A 3 -6.96 -0.59 -6.88
CA CYS A 3 -5.81 -0.47 -6.00
C CYS A 3 -6.24 -0.34 -4.55
N HIS A 4 -5.50 -0.99 -3.65
CA HIS A 4 -5.82 -0.94 -2.23
C HIS A 4 -5.90 0.50 -1.74
N LYS A 5 -6.94 0.81 -0.99
CA LYS A 5 -7.15 2.15 -0.46
C LYS A 5 -6.05 2.50 0.55
N PHE A 6 -5.78 3.80 0.68
CA PHE A 6 -4.76 4.26 1.61
C PHE A 6 -5.00 3.71 3.01
N LEU A 7 -3.91 3.43 3.73
CA LEU A 7 -4.00 2.89 5.08
C LEU A 7 -4.91 1.66 5.12
N GLY A 8 -4.85 0.86 4.05
CA GLY A 8 -5.66 -0.33 3.99
C GLY A 8 -5.04 -1.50 4.71
N TRP A 9 -5.10 -2.68 4.09
CA TRP A 9 -4.53 -3.89 4.68
C TRP A 9 -3.63 -4.61 3.69
N CYS A 10 -2.36 -4.76 4.05
CA CYS A 10 -1.40 -5.43 3.19
C CYS A 10 -0.96 -6.77 3.79
N ARG A 11 -0.88 -6.82 5.11
CA ARG A 11 -0.47 -8.02 5.81
C ARG A 11 -1.32 -9.22 5.36
N GLY A 12 -0.64 -10.30 4.98
CA GLY A 12 -1.35 -11.48 4.53
C GLY A 12 -1.52 -11.52 3.02
N GLU A 13 -1.67 -10.35 2.42
CA GLU A 13 -1.84 -10.25 0.98
C GLU A 13 -0.54 -9.85 0.29
N LYS A 14 -0.51 -9.98 -1.03
CA LYS A 14 0.68 -9.62 -1.80
C LYS A 14 0.30 -8.90 -3.09
N ASP A 15 -0.48 -7.82 -2.94
CA ASP A 15 -0.92 -7.04 -4.09
C ASP A 15 -0.33 -5.62 -4.03
N PRO A 16 -0.31 -4.94 -5.19
CA PRO A 16 0.22 -3.59 -5.29
C PRO A 16 -0.68 -2.56 -4.61
N CYS A 17 -0.35 -1.28 -4.76
CA CYS A 17 -1.12 -0.20 -4.15
C CYS A 17 -1.45 0.88 -5.18
N CYS A 18 -2.14 1.92 -4.73
CA CYS A 18 -2.51 3.02 -5.61
C CYS A 18 -1.29 3.84 -6.01
N GLU A 19 -1.52 4.93 -6.72
CA GLU A 19 -0.44 5.81 -7.16
C GLU A 19 0.26 6.46 -5.98
N HIS A 20 1.59 6.49 -6.02
CA HIS A 20 2.38 7.09 -4.95
C HIS A 20 2.19 6.31 -3.65
N LEU A 21 2.14 4.99 -3.75
CA LEU A 21 1.97 4.13 -2.58
C LEU A 21 2.84 2.88 -2.69
N THR A 22 3.11 2.26 -1.55
CA THR A 22 3.93 1.06 -1.52
C THR A 22 3.46 0.10 -0.42
N CYS A 23 3.12 -1.12 -0.81
CA CYS A 23 2.66 -2.13 0.14
C CYS A 23 3.64 -2.26 1.31
N HIS A 24 3.26 -1.71 2.47
CA HIS A 24 4.11 -1.77 3.65
C HIS A 24 3.92 -3.10 4.38
N VAL A 25 4.99 -3.87 4.49
CA VAL A 25 4.95 -5.16 5.16
C VAL A 25 4.91 -4.99 6.67
N LYS A 26 5.85 -4.21 7.19
CA LYS A 26 5.93 -3.97 8.63
C LYS A 26 4.64 -3.33 9.14
N HIS A 27 4.39 -2.09 8.72
CA HIS A 27 3.19 -1.37 9.13
C HIS A 27 1.94 -2.18 8.82
N GLY A 28 1.82 -2.63 7.58
CA GLY A 28 0.66 -3.42 7.18
C GLY A 28 -0.38 -2.59 6.46
N TRP A 29 0.08 -1.60 5.70
CA TRP A 29 -0.82 -0.73 4.95
C TRP A 29 -0.04 0.17 4.01
N CYS A 30 -0.60 0.40 2.82
CA CYS A 30 0.04 1.24 1.82
C CYS A 30 0.27 2.65 2.36
N VAL A 31 1.46 3.18 2.15
CA VAL A 31 1.80 4.53 2.61
C VAL A 31 2.36 5.37 1.48
N TRP A 32 2.26 6.69 1.63
CA TRP A 32 2.76 7.62 0.62
C TRP A 32 4.23 7.35 0.31
N ASP A 33 4.61 7.55 -0.95
CA ASP A 33 5.99 7.32 -1.37
C ASP A 33 6.26 8.02 -2.69
N GLY A 34 7.54 8.30 -2.96
CA GLY A 34 7.92 8.96 -4.19
C GLY A 34 8.33 10.40 -3.97
N THR A 35 7.85 11.00 -2.88
CA THR A 35 8.16 12.38 -2.56
C THR A 35 9.09 12.46 -1.34
N ILE A 36 10.38 12.65 -1.60
CA ILE A 36 11.37 12.75 -0.53
C ILE A 36 12.25 13.98 -0.71
N NH2 A 37 12.73 14.53 0.39
HN1 NH2 A 37 12.49 14.13 1.27
HN2 NH2 A 37 13.32 15.33 0.37
N GLY A 1 -8.20 -4.07 -12.44
CA GLY A 1 -7.90 -4.30 -11.03
C GLY A 1 -7.78 -3.01 -10.25
N ASP A 2 -8.58 -2.87 -9.21
CA ASP A 2 -8.56 -1.67 -8.38
C ASP A 2 -7.37 -1.68 -7.43
N CYS A 3 -6.90 -0.49 -7.06
CA CYS A 3 -5.77 -0.37 -6.16
C CYS A 3 -6.23 -0.22 -4.72
N HIS A 4 -5.55 -0.91 -3.80
CA HIS A 4 -5.89 -0.85 -2.39
C HIS A 4 -5.92 0.60 -1.90
N LYS A 5 -6.97 0.93 -1.15
CA LYS A 5 -7.13 2.28 -0.61
C LYS A 5 -6.05 2.58 0.43
N PHE A 6 -5.79 3.87 0.64
CA PHE A 6 -4.78 4.29 1.60
C PHE A 6 -5.02 3.64 2.96
N LEU A 7 -3.94 3.35 3.67
CA LEU A 7 -4.03 2.72 4.99
C LEU A 7 -4.84 1.44 4.92
N GLY A 8 -4.70 0.71 3.81
CA GLY A 8 -5.44 -0.53 3.65
C GLY A 8 -4.88 -1.65 4.50
N TRP A 9 -4.70 -2.82 3.90
CA TRP A 9 -4.17 -3.97 4.62
C TRP A 9 -3.27 -4.81 3.72
N CYS A 10 -2.01 -4.96 4.12
CA CYS A 10 -1.05 -5.74 3.35
C CYS A 10 -0.73 -7.06 4.05
N ARG A 11 -0.70 -7.03 5.38
CA ARG A 11 -0.41 -8.21 6.16
C ARG A 11 -1.30 -9.38 5.74
N GLY A 12 -0.67 -10.42 5.20
CA GLY A 12 -1.43 -11.59 4.76
C GLY A 12 -1.64 -11.61 3.26
N GLU A 13 -1.77 -10.43 2.67
CA GLU A 13 -1.98 -10.31 1.23
C GLU A 13 -0.71 -9.83 0.53
N LYS A 14 -0.70 -9.93 -0.80
CA LYS A 14 0.45 -9.51 -1.58
C LYS A 14 0.01 -8.81 -2.87
N ASP A 15 -0.71 -7.70 -2.72
CA ASP A 15 -1.20 -6.95 -3.87
C ASP A 15 -0.57 -5.57 -3.91
N PRO A 16 -0.61 -4.94 -5.10
CA PRO A 16 -0.04 -3.60 -5.30
C PRO A 16 -0.84 -2.52 -4.59
N CYS A 17 -0.47 -1.27 -4.83
CA CYS A 17 -1.16 -0.14 -4.21
C CYS A 17 -1.46 0.95 -5.24
N CYS A 18 -2.15 2.00 -4.80
CA CYS A 18 -2.49 3.11 -5.69
C CYS A 18 -1.26 3.91 -6.07
N GLU A 19 -1.47 5.01 -6.78
CA GLU A 19 -0.37 5.87 -7.22
C GLU A 19 0.32 6.51 -6.01
N HIS A 20 1.65 6.55 -6.04
CA HIS A 20 2.42 7.14 -4.96
C HIS A 20 2.22 6.36 -3.66
N LEU A 21 2.17 5.03 -3.78
CA LEU A 21 1.99 4.17 -2.61
C LEU A 21 2.86 2.92 -2.72
N THR A 22 3.13 2.30 -1.57
CA THR A 22 3.95 1.10 -1.53
C THR A 22 3.49 0.15 -0.44
N CYS A 23 3.14 -1.07 -0.83
CA CYS A 23 2.68 -2.07 0.12
C CYS A 23 3.66 -2.22 1.29
N HIS A 24 3.29 -1.67 2.44
CA HIS A 24 4.14 -1.73 3.62
C HIS A 24 3.97 -3.07 4.34
N VAL A 25 5.06 -3.84 4.40
CA VAL A 25 5.03 -5.14 5.05
C VAL A 25 4.96 -5.00 6.57
N LYS A 26 5.87 -4.21 7.12
CA LYS A 26 5.92 -3.98 8.56
C LYS A 26 4.62 -3.37 9.05
N HIS A 27 4.37 -2.13 8.65
CA HIS A 27 3.15 -1.42 9.05
C HIS A 27 1.92 -2.25 8.72
N GLY A 28 1.82 -2.69 7.47
CA GLY A 28 0.67 -3.47 7.05
C GLY A 28 -0.37 -2.65 6.33
N TRP A 29 0.08 -1.64 5.59
CA TRP A 29 -0.83 -0.77 4.85
C TRP A 29 -0.06 0.16 3.93
N CYS A 30 -0.60 0.38 2.73
CA CYS A 30 0.04 1.25 1.75
C CYS A 30 0.24 2.65 2.32
N VAL A 31 1.45 3.18 2.12
CA VAL A 31 1.78 4.52 2.62
C VAL A 31 2.31 5.40 1.49
N TRP A 32 2.21 6.71 1.67
CA TRP A 32 2.68 7.66 0.67
C TRP A 32 4.17 7.46 0.40
N ASP A 33 4.57 7.63 -0.86
CA ASP A 33 5.97 7.47 -1.24
C ASP A 33 6.35 8.49 -2.32
N GLY A 34 7.59 8.96 -2.26
CA GLY A 34 8.06 9.93 -3.23
C GLY A 34 8.11 11.33 -2.65
N THR A 35 7.32 11.59 -1.62
CA THR A 35 7.27 12.90 -1.00
C THR A 35 7.68 12.81 0.48
N ILE A 36 8.89 13.29 0.78
CA ILE A 36 9.40 13.27 2.14
C ILE A 36 9.19 14.63 2.82
N NH2 A 37 9.09 14.60 4.15
HN1 NH2 A 37 9.14 13.74 4.61
HN2 NH2 A 37 8.95 15.43 4.68
N GLY A 1 -7.28 -5.87 -10.19
CA GLY A 1 -8.35 -4.91 -10.39
C GLY A 1 -7.98 -3.53 -9.84
N ASP A 2 -8.84 -3.00 -8.97
CA ASP A 2 -8.60 -1.69 -8.37
C ASP A 2 -7.39 -1.72 -7.44
N CYS A 3 -6.95 -0.54 -7.01
CA CYS A 3 -5.81 -0.43 -6.12
C CYS A 3 -6.26 -0.24 -4.68
N HIS A 4 -5.60 -0.95 -3.75
CA HIS A 4 -5.94 -0.86 -2.34
C HIS A 4 -5.96 0.60 -1.88
N LYS A 5 -6.98 0.95 -1.09
CA LYS A 5 -7.11 2.31 -0.58
C LYS A 5 -6.05 2.61 0.46
N PHE A 6 -5.78 3.90 0.67
CA PHE A 6 -4.78 4.32 1.65
C PHE A 6 -5.01 3.65 3.00
N LEU A 7 -3.92 3.38 3.71
CA LEU A 7 -4.00 2.74 5.01
C LEU A 7 -4.82 1.45 4.94
N GLY A 8 -4.70 0.75 3.82
CA GLY A 8 -5.44 -0.49 3.66
C GLY A 8 -4.87 -1.62 4.50
N TRP A 9 -4.72 -2.79 3.90
CA TRP A 9 -4.20 -3.95 4.61
C TRP A 9 -3.30 -4.78 3.70
N CYS A 10 -2.04 -4.94 4.11
CA CYS A 10 -1.07 -5.71 3.33
C CYS A 10 -0.77 -7.03 4.02
N ARG A 11 -0.74 -7.01 5.36
CA ARG A 11 -0.45 -8.21 6.14
C ARG A 11 -1.34 -9.37 5.70
N GLY A 12 -0.72 -10.41 5.15
CA GLY A 12 -1.47 -11.57 4.70
C GLY A 12 -1.67 -11.58 3.20
N GLU A 13 -1.79 -10.40 2.61
CA GLU A 13 -1.98 -10.29 1.16
C GLU A 13 -0.71 -9.81 0.48
N LYS A 14 -0.66 -9.96 -0.83
CA LYS A 14 0.51 -9.54 -1.62
C LYS A 14 0.08 -8.85 -2.90
N ASP A 15 -0.66 -7.74 -2.76
CA ASP A 15 -1.13 -6.98 -3.91
C ASP A 15 -0.51 -5.59 -3.92
N PRO A 16 -0.52 -4.96 -5.11
CA PRO A 16 0.04 -3.61 -5.28
C PRO A 16 -0.79 -2.54 -4.59
N CYS A 17 -0.44 -1.28 -4.81
CA CYS A 17 -1.15 -0.17 -4.21
C CYS A 17 -1.45 0.92 -5.24
N CYS A 18 -2.13 1.97 -4.80
CA CYS A 18 -2.49 3.08 -5.69
C CYS A 18 -1.25 3.88 -6.07
N GLU A 19 -1.46 4.98 -6.79
CA GLU A 19 -0.37 5.83 -7.22
C GLU A 19 0.32 6.49 -6.02
N HIS A 20 1.64 6.53 -6.04
CA HIS A 20 2.41 7.13 -4.96
C HIS A 20 2.21 6.35 -3.66
N LEU A 21 2.18 5.03 -3.77
CA LEU A 21 2.00 4.18 -2.61
C LEU A 21 2.87 2.93 -2.71
N THR A 22 3.14 2.31 -1.56
CA THR A 22 3.96 1.11 -1.52
C THR A 22 3.49 0.16 -0.42
N CYS A 23 3.15 -1.07 -0.81
CA CYS A 23 2.69 -2.07 0.14
C CYS A 23 3.67 -2.22 1.30
N HIS A 24 3.29 -1.66 2.45
CA HIS A 24 4.14 -1.73 3.64
C HIS A 24 3.97 -3.07 4.35
N VAL A 25 5.05 -3.84 4.40
CA VAL A 25 5.03 -5.14 5.05
C VAL A 25 4.96 -5.01 6.57
N LYS A 26 5.88 -4.22 7.13
CA LYS A 26 5.93 -3.99 8.57
C LYS A 26 4.63 -3.37 9.07
N HIS A 27 4.37 -2.13 8.66
CA HIS A 27 3.17 -1.43 9.07
C HIS A 27 1.92 -2.25 8.74
N GLY A 28 1.82 -2.68 7.48
CA GLY A 28 0.68 -3.48 7.07
C GLY A 28 -0.37 -2.65 6.35
N TRP A 29 0.09 -1.64 5.60
CA TRP A 29 -0.82 -0.77 4.86
C TRP A 29 -0.04 0.15 3.93
N CYS A 30 -0.60 0.39 2.75
CA CYS A 30 0.04 1.26 1.77
C CYS A 30 0.24 2.66 2.33
N VAL A 31 1.44 3.21 2.13
CA VAL A 31 1.75 4.54 2.61
C VAL A 31 2.31 5.41 1.49
N TRP A 32 2.19 6.73 1.67
CA TRP A 32 2.67 7.68 0.66
C TRP A 32 4.15 7.47 0.40
N ASP A 33 4.55 7.64 -0.87
CA ASP A 33 5.95 7.47 -1.26
C ASP A 33 6.30 8.40 -2.42
N GLY A 34 7.58 8.73 -2.54
CA GLY A 34 8.03 9.61 -3.60
C GLY A 34 8.40 10.99 -3.10
N THR A 35 7.82 11.37 -1.96
CA THR A 35 8.09 12.68 -1.39
C THR A 35 9.39 12.66 -0.57
N ILE A 36 9.62 11.57 0.14
CA ILE A 36 10.82 11.43 0.97
C ILE A 36 11.44 10.05 0.79
N NH2 A 37 12.75 9.97 0.99
HN1 NH2 A 37 13.25 10.77 1.24
HN2 NH2 A 37 13.24 9.10 0.91
N GLY A 1 -6.96 -4.70 -11.25
CA GLY A 1 -8.23 -4.02 -11.00
C GLY A 1 -8.07 -2.83 -10.08
N ASP A 2 -8.86 -2.81 -9.00
CA ASP A 2 -8.81 -1.72 -8.04
C ASP A 2 -7.54 -1.80 -7.20
N CYS A 3 -7.07 -0.65 -6.73
CA CYS A 3 -5.87 -0.58 -5.91
C CYS A 3 -6.22 -0.45 -4.43
N HIS A 4 -5.44 -1.11 -3.58
CA HIS A 4 -5.66 -1.07 -2.14
C HIS A 4 -5.77 0.38 -1.66
N LYS A 5 -6.89 0.69 -1.00
CA LYS A 5 -7.11 2.04 -0.48
C LYS A 5 -6.01 2.43 0.50
N PHE A 6 -5.84 3.74 0.70
CA PHE A 6 -4.83 4.25 1.61
C PHE A 6 -5.04 3.71 3.02
N LEU A 7 -3.95 3.42 3.72
CA LEU A 7 -4.01 2.91 5.08
C LEU A 7 -4.93 1.70 5.15
N GLY A 8 -4.96 0.91 4.07
CA GLY A 8 -5.80 -0.27 4.04
C GLY A 8 -5.19 -1.44 4.77
N TRP A 9 -4.87 -2.51 4.04
CA TRP A 9 -4.28 -3.70 4.64
C TRP A 9 -3.31 -4.37 3.65
N CYS A 10 -2.06 -4.49 4.07
CA CYS A 10 -1.03 -5.12 3.23
C CYS A 10 -0.66 -6.49 3.77
N ARG A 11 -0.66 -6.63 5.08
CA ARG A 11 -0.31 -7.90 5.72
C ARG A 11 -1.20 -9.03 5.19
N GLY A 12 -0.57 -10.07 4.67
CA GLY A 12 -1.31 -11.20 4.14
C GLY A 12 -1.55 -11.08 2.65
N GLU A 13 -1.70 -9.85 2.17
CA GLU A 13 -1.95 -9.60 0.75
C GLU A 13 -0.67 -9.16 0.05
N LYS A 14 -0.26 -9.92 -0.96
CA LYS A 14 0.95 -9.61 -1.72
C LYS A 14 0.61 -8.88 -3.02
N ASP A 15 -0.23 -7.86 -2.92
CA ASP A 15 -0.64 -7.09 -4.09
C ASP A 15 -0.15 -5.65 -3.98
N PRO A 16 -0.08 -4.95 -5.12
CA PRO A 16 0.37 -3.56 -5.19
C PRO A 16 -0.62 -2.60 -4.55
N CYS A 17 -0.32 -1.31 -4.61
CA CYS A 17 -1.19 -0.28 -4.04
C CYS A 17 -1.52 0.79 -5.07
N CYS A 18 -2.21 1.84 -4.63
CA CYS A 18 -2.59 2.93 -5.52
C CYS A 18 -1.36 3.75 -5.93
N GLU A 19 -1.60 4.83 -6.67
CA GLU A 19 -0.52 5.69 -7.13
C GLU A 19 0.18 6.37 -5.95
N HIS A 20 1.51 6.41 -6.01
CA HIS A 20 2.31 7.03 -4.95
C HIS A 20 2.13 6.26 -3.64
N LEU A 21 2.05 4.94 -3.73
CA LEU A 21 1.90 4.10 -2.55
C LEU A 21 2.74 2.83 -2.67
N THR A 22 3.01 2.20 -1.53
CA THR A 22 3.80 0.97 -1.51
C THR A 22 3.33 0.03 -0.41
N CYS A 23 3.01 -1.20 -0.80
CA CYS A 23 2.54 -2.20 0.16
C CYS A 23 3.52 -2.35 1.32
N HIS A 24 3.16 -1.79 2.47
CA HIS A 24 4.01 -1.87 3.65
C HIS A 24 3.78 -3.19 4.40
N VAL A 25 4.84 -4.00 4.47
CA VAL A 25 4.76 -5.29 5.15
C VAL A 25 4.75 -5.11 6.66
N LYS A 26 5.73 -4.36 7.17
CA LYS A 26 5.83 -4.11 8.60
C LYS A 26 4.57 -3.44 9.13
N HIS A 27 4.35 -2.19 8.71
CA HIS A 27 3.18 -1.43 9.14
C HIS A 27 1.90 -2.21 8.86
N GLY A 28 1.74 -2.67 7.62
CA GLY A 28 0.56 -3.42 7.25
C GLY A 28 -0.47 -2.57 6.55
N TRP A 29 -0.01 -1.60 5.77
CA TRP A 29 -0.90 -0.70 5.03
C TRP A 29 -0.12 0.18 4.06
N CYS A 30 -0.69 0.41 2.89
CA CYS A 30 -0.04 1.23 1.88
C CYS A 30 0.24 2.64 2.42
N VAL A 31 1.46 3.11 2.20
CA VAL A 31 1.85 4.44 2.66
C VAL A 31 2.43 5.27 1.52
N TRP A 32 2.35 6.59 1.67
CA TRP A 32 2.86 7.51 0.64
C TRP A 32 4.30 7.15 0.26
N ASP A 33 4.65 7.40 -0.99
CA ASP A 33 5.99 7.11 -1.48
C ASP A 33 6.20 7.70 -2.87
N GLY A 34 7.30 8.43 -3.04
CA GLY A 34 7.59 9.03 -4.33
C GLY A 34 7.28 10.52 -4.36
N THR A 35 6.36 10.95 -3.49
CA THR A 35 5.97 12.34 -3.42
C THR A 35 6.02 12.86 -1.99
N ILE A 36 6.10 14.18 -1.84
CA ILE A 36 6.16 14.80 -0.52
C ILE A 36 5.09 15.87 -0.37
N NH2 A 37 4.44 15.91 0.79
HN1 NH2 A 37 4.68 15.26 1.48
HN2 NH2 A 37 3.73 16.58 0.98
N GLY A 1 -6.71 -4.24 -11.79
CA GLY A 1 -7.80 -4.14 -10.86
C GLY A 1 -7.70 -2.92 -9.97
N ASP A 2 -8.72 -2.70 -9.15
CA ASP A 2 -8.74 -1.55 -8.25
C ASP A 2 -7.55 -1.59 -7.29
N CYS A 3 -6.95 -0.43 -7.05
CA CYS A 3 -5.80 -0.33 -6.16
C CYS A 3 -6.26 -0.18 -4.71
N HIS A 4 -5.56 -0.87 -3.80
CA HIS A 4 -5.88 -0.82 -2.39
C HIS A 4 -5.92 0.62 -1.88
N LYS A 5 -6.97 0.97 -1.17
CA LYS A 5 -7.12 2.32 -0.63
C LYS A 5 -6.05 2.62 0.42
N PHE A 6 -5.79 3.90 0.64
CA PHE A 6 -4.79 4.32 1.61
C PHE A 6 -5.02 3.64 2.96
N LEU A 7 -3.93 3.36 3.67
CA LEU A 7 -4.02 2.72 4.98
C LEU A 7 -4.82 1.42 4.90
N GLY A 8 -4.69 0.72 3.78
CA GLY A 8 -5.41 -0.52 3.60
C GLY A 8 -4.85 -1.65 4.45
N TRP A 9 -4.72 -2.83 3.87
CA TRP A 9 -4.20 -3.98 4.58
C TRP A 9 -3.29 -4.81 3.68
N CYS A 10 -2.03 -4.97 4.10
CA CYS A 10 -1.06 -5.73 3.33
C CYS A 10 -0.75 -7.05 4.03
N ARG A 11 -0.72 -7.02 5.36
CA ARG A 11 -0.42 -8.21 6.14
C ARG A 11 -1.31 -9.38 5.72
N GLY A 12 -0.69 -10.43 5.20
CA GLY A 12 -1.43 -11.60 4.76
C GLY A 12 -1.62 -11.63 3.25
N GLU A 13 -1.75 -10.45 2.66
CA GLU A 13 -1.94 -10.35 1.21
C GLU A 13 -0.68 -9.84 0.53
N LYS A 14 -0.65 -9.95 -0.79
CA LYS A 14 0.50 -9.50 -1.58
C LYS A 14 0.05 -8.81 -2.85
N ASP A 15 -0.68 -7.71 -2.71
CA ASP A 15 -1.17 -6.96 -3.86
C ASP A 15 -0.55 -5.56 -3.90
N PRO A 16 -0.57 -4.93 -5.08
CA PRO A 16 -0.02 -3.60 -5.28
C PRO A 16 -0.84 -2.52 -4.58
N CYS A 17 -0.47 -1.26 -4.81
CA CYS A 17 -1.17 -0.14 -4.19
C CYS A 17 -1.47 0.95 -5.22
N CYS A 18 -2.15 1.99 -4.79
CA CYS A 18 -2.51 3.10 -5.68
C CYS A 18 -1.26 3.91 -6.05
N GLU A 19 -1.48 5.01 -6.77
CA GLU A 19 -0.38 5.86 -7.20
C GLU A 19 0.30 6.51 -6.00
N HIS A 20 1.63 6.56 -6.03
CA HIS A 20 2.40 7.15 -4.95
C HIS A 20 2.21 6.37 -3.65
N LEU A 21 2.17 5.05 -3.77
CA LEU A 21 1.98 4.18 -2.60
C LEU A 21 2.86 2.94 -2.70
N THR A 22 3.13 2.32 -1.56
CA THR A 22 3.95 1.12 -1.52
C THR A 22 3.49 0.16 -0.43
N CYS A 23 3.14 -1.06 -0.82
CA CYS A 23 2.67 -2.06 0.13
C CYS A 23 3.65 -2.21 1.29
N HIS A 24 3.28 -1.66 2.44
CA HIS A 24 4.13 -1.73 3.63
C HIS A 24 3.97 -3.07 4.34
N VAL A 25 5.04 -3.84 4.40
CA VAL A 25 5.01 -5.14 5.05
C VAL A 25 4.96 -5.01 6.57
N LYS A 26 5.88 -4.22 7.12
CA LYS A 26 5.93 -3.99 8.56
C LYS A 26 4.63 -3.37 9.06
N HIS A 27 4.38 -2.13 8.67
CA HIS A 27 3.16 -1.43 9.07
C HIS A 27 1.92 -2.25 8.74
N GLY A 28 1.82 -2.69 7.49
CA GLY A 28 0.68 -3.48 7.07
C GLY A 28 -0.37 -2.65 6.35
N TRP A 29 0.08 -1.65 5.60
CA TRP A 29 -0.82 -0.78 4.86
C TRP A 29 -0.06 0.15 3.93
N CYS A 30 -0.61 0.39 2.75
CA CYS A 30 0.03 1.26 1.77
C CYS A 30 0.24 2.67 2.33
N VAL A 31 1.44 3.20 2.14
CA VAL A 31 1.76 4.54 2.62
C VAL A 31 2.30 5.42 1.50
N TRP A 32 2.19 6.73 1.68
CA TRP A 32 2.67 7.67 0.68
C TRP A 32 4.16 7.48 0.42
N ASP A 33 4.56 7.66 -0.84
CA ASP A 33 5.96 7.50 -1.22
C ASP A 33 6.28 8.34 -2.45
N GLY A 34 7.43 9.02 -2.41
CA GLY A 34 7.83 9.86 -3.52
C GLY A 34 7.25 11.26 -3.44
N THR A 35 6.79 11.63 -2.25
CA THR A 35 6.20 12.95 -2.04
C THR A 35 7.28 13.99 -1.74
N ILE A 36 7.69 14.73 -2.78
CA ILE A 36 8.71 15.76 -2.63
C ILE A 36 8.08 17.13 -2.39
N NH2 A 37 8.73 17.92 -1.55
HN1 NH2 A 37 9.55 17.61 -1.12
HN2 NH2 A 37 8.38 18.84 -1.32
N GLY A 1 -6.92 -5.14 -10.63
CA GLY A 1 -7.46 -3.90 -11.14
C GLY A 1 -7.52 -2.81 -10.08
N ASP A 2 -8.43 -2.96 -9.13
CA ASP A 2 -8.59 -1.98 -8.06
C ASP A 2 -7.31 -1.89 -7.23
N CYS A 3 -7.01 -0.69 -6.74
CA CYS A 3 -5.82 -0.45 -5.93
C CYS A 3 -6.18 -0.40 -4.45
N HIS A 4 -5.30 -0.95 -3.61
CA HIS A 4 -5.52 -0.96 -2.17
C HIS A 4 -5.67 0.46 -1.63
N LYS A 5 -6.84 0.74 -1.06
CA LYS A 5 -7.11 2.05 -0.50
C LYS A 5 -6.04 2.46 0.50
N PHE A 6 -5.80 3.76 0.62
CA PHE A 6 -4.80 4.27 1.55
C PHE A 6 -5.03 3.72 2.95
N LEU A 7 -3.94 3.33 3.61
CA LEU A 7 -4.02 2.78 4.95
C LEU A 7 -4.90 1.53 4.99
N GLY A 8 -4.89 0.77 3.90
CA GLY A 8 -5.69 -0.43 3.83
C GLY A 8 -5.08 -1.57 4.61
N TRP A 9 -4.86 -2.71 3.95
CA TRP A 9 -4.29 -3.87 4.60
C TRP A 9 -3.40 -4.66 3.64
N CYS A 10 -2.13 -4.82 4.00
CA CYS A 10 -1.18 -5.55 3.17
C CYS A 10 -0.83 -6.89 3.80
N ARG A 11 -0.75 -6.92 5.13
CA ARG A 11 -0.43 -8.14 5.85
C ARG A 11 -1.33 -9.30 5.42
N GLY A 12 -0.73 -10.42 5.04
CA GLY A 12 -1.50 -11.57 4.63
C GLY A 12 -1.69 -11.62 3.12
N GLU A 13 -1.78 -10.45 2.50
CA GLU A 13 -1.96 -10.37 1.05
C GLU A 13 -0.68 -9.90 0.37
N LYS A 14 -0.64 -10.02 -0.95
CA LYS A 14 0.53 -9.62 -1.73
C LYS A 14 0.10 -8.92 -3.01
N ASP A 15 -0.65 -7.83 -2.86
CA ASP A 15 -1.11 -7.05 -4.01
C ASP A 15 -0.51 -5.66 -3.99
N PRO A 16 -0.52 -5.00 -5.16
CA PRO A 16 0.02 -3.64 -5.31
C PRO A 16 -0.84 -2.60 -4.61
N CYS A 17 -0.50 -1.33 -4.82
CA CYS A 17 -1.24 -0.23 -4.21
C CYS A 17 -1.57 0.85 -5.23
N CYS A 18 -2.22 1.91 -4.77
CA CYS A 18 -2.59 3.02 -5.66
C CYS A 18 -1.35 3.80 -6.09
N GLU A 19 -1.58 4.95 -6.72
CA GLU A 19 -0.49 5.79 -7.19
C GLU A 19 0.22 6.48 -6.02
N HIS A 20 1.55 6.52 -6.09
CA HIS A 20 2.35 7.14 -5.04
C HIS A 20 2.20 6.38 -3.73
N LEU A 21 2.08 5.06 -3.82
CA LEU A 21 1.92 4.21 -2.64
C LEU A 21 2.84 3.00 -2.72
N THR A 22 3.11 2.39 -1.57
CA THR A 22 3.97 1.21 -1.50
C THR A 22 3.50 0.25 -0.43
N CYS A 23 3.19 -0.98 -0.83
CA CYS A 23 2.72 -1.99 0.11
C CYS A 23 3.69 -2.13 1.29
N HIS A 24 3.30 -1.60 2.44
CA HIS A 24 4.13 -1.66 3.63
C HIS A 24 3.94 -2.99 4.35
N VAL A 25 5.04 -3.76 4.46
CA VAL A 25 4.99 -5.06 5.12
C VAL A 25 4.93 -4.89 6.64
N LYS A 26 5.86 -4.11 7.18
CA LYS A 26 5.91 -3.87 8.62
C LYS A 26 4.62 -3.24 9.11
N HIS A 27 4.37 -2.01 8.70
CA HIS A 27 3.16 -1.28 9.10
C HIS A 27 1.92 -2.12 8.80
N GLY A 28 1.82 -2.60 7.56
CA GLY A 28 0.67 -3.40 7.18
C GLY A 28 -0.37 -2.58 6.43
N TRP A 29 0.09 -1.61 5.65
CA TRP A 29 -0.82 -0.76 4.88
C TRP A 29 -0.03 0.14 3.93
N CYS A 30 -0.58 0.35 2.74
CA CYS A 30 0.06 1.20 1.74
C CYS A 30 0.27 2.62 2.28
N VAL A 31 1.47 3.14 2.07
CA VAL A 31 1.81 4.49 2.54
C VAL A 31 2.38 5.33 1.40
N TRP A 32 2.29 6.65 1.55
CA TRP A 32 2.79 7.56 0.53
C TRP A 32 4.24 7.23 0.17
N ASP A 33 4.57 7.36 -1.11
CA ASP A 33 5.91 7.06 -1.59
C ASP A 33 6.70 8.36 -1.83
N GLY A 34 7.94 8.21 -2.27
CA GLY A 34 8.77 9.37 -2.53
C GLY A 34 9.70 9.69 -1.38
N THR A 35 9.33 9.25 -0.17
CA THR A 35 10.13 9.50 1.01
C THR A 35 10.85 8.23 1.46
N ILE A 36 12.18 8.27 1.44
CA ILE A 36 12.98 7.12 1.85
C ILE A 36 12.58 6.64 3.25
N NH2 A 37 12.94 5.40 3.56
HN1 NH2 A 37 13.43 4.86 2.91
HN2 NH2 A 37 12.72 5.01 4.45
N GLY A 1 -8.86 -3.37 -12.18
CA GLY A 1 -7.65 -3.39 -11.38
C GLY A 1 -7.69 -2.36 -10.27
N ASP A 2 -8.61 -2.54 -9.33
CA ASP A 2 -8.73 -1.62 -8.20
C ASP A 2 -7.51 -1.69 -7.29
N CYS A 3 -7.07 -0.54 -6.81
CA CYS A 3 -5.90 -0.47 -5.94
C CYS A 3 -6.33 -0.27 -4.48
N HIS A 4 -5.64 -0.95 -3.57
CA HIS A 4 -5.95 -0.85 -2.15
C HIS A 4 -5.99 0.60 -1.70
N LYS A 5 -6.95 0.93 -0.85
CA LYS A 5 -7.09 2.30 -0.34
C LYS A 5 -5.99 2.62 0.66
N PHE A 6 -5.73 3.90 0.85
CA PHE A 6 -4.70 4.34 1.79
C PHE A 6 -4.97 3.79 3.19
N LEU A 7 -3.90 3.49 3.91
CA LEU A 7 -4.01 2.94 5.26
C LEU A 7 -4.95 1.73 5.29
N GLY A 8 -4.85 0.91 4.24
CA GLY A 8 -5.69 -0.28 4.18
C GLY A 8 -5.06 -1.48 4.86
N TRP A 9 -4.95 -2.58 4.14
CA TRP A 9 -4.37 -3.80 4.69
C TRP A 9 -3.39 -4.42 3.70
N CYS A 10 -2.18 -4.71 4.17
CA CYS A 10 -1.15 -5.31 3.33
C CYS A 10 -0.66 -6.62 3.93
N ARG A 11 -0.61 -6.68 5.25
CA ARG A 11 -0.16 -7.88 5.95
C ARG A 11 -0.90 -9.12 5.45
N GLY A 12 -0.16 -10.06 4.86
CA GLY A 12 -0.77 -11.27 4.34
C GLY A 12 -1.01 -11.20 2.85
N GLU A 13 -1.32 -10.00 2.35
CA GLU A 13 -1.58 -9.81 0.93
C GLU A 13 -0.42 -9.07 0.26
N LYS A 14 0.17 -9.70 -0.75
CA LYS A 14 1.28 -9.11 -1.48
C LYS A 14 0.83 -8.56 -2.82
N ASP A 15 -0.06 -7.56 -2.77
CA ASP A 15 -0.58 -6.94 -3.98
C ASP A 15 -0.14 -5.48 -4.07
N PRO A 16 -0.20 -4.91 -5.29
CA PRO A 16 0.18 -3.52 -5.54
C PRO A 16 -0.82 -2.54 -4.94
N CYS A 17 -0.37 -1.31 -4.73
CA CYS A 17 -1.22 -0.27 -4.16
C CYS A 17 -1.52 0.81 -5.19
N CYS A 18 -2.19 1.87 -4.75
CA CYS A 18 -2.54 2.98 -5.62
C CYS A 18 -1.30 3.77 -6.03
N GLU A 19 -1.51 4.86 -6.76
CA GLU A 19 -0.41 5.70 -7.22
C GLU A 19 0.30 6.35 -6.03
N HIS A 20 1.63 6.35 -6.08
CA HIS A 20 2.43 6.93 -5.01
C HIS A 20 2.23 6.17 -3.70
N LEU A 21 2.11 4.84 -3.81
CA LEU A 21 1.92 4.01 -2.63
C LEU A 21 2.71 2.71 -2.75
N THR A 22 2.98 2.08 -1.61
CA THR A 22 3.73 0.83 -1.60
C THR A 22 3.24 -0.09 -0.49
N CYS A 23 2.88 -1.31 -0.86
CA CYS A 23 2.38 -2.29 0.11
C CYS A 23 3.37 -2.45 1.26
N HIS A 24 3.02 -1.88 2.42
CA HIS A 24 3.86 -1.96 3.60
C HIS A 24 3.63 -3.27 4.35
N VAL A 25 4.67 -4.11 4.40
CA VAL A 25 4.57 -5.39 5.08
C VAL A 25 4.56 -5.21 6.59
N LYS A 26 5.55 -4.47 7.10
CA LYS A 26 5.66 -4.21 8.53
C LYS A 26 4.40 -3.53 9.06
N HIS A 27 4.19 -2.28 8.63
CA HIS A 27 3.03 -1.51 9.06
C HIS A 27 1.73 -2.28 8.77
N GLY A 28 1.58 -2.73 7.53
CA GLY A 28 0.39 -3.47 7.14
C GLY A 28 -0.62 -2.59 6.43
N TRP A 29 -0.14 -1.62 5.66
CA TRP A 29 -1.02 -0.71 4.94
C TRP A 29 -0.23 0.16 3.97
N CYS A 30 -0.78 0.40 2.79
CA CYS A 30 -0.12 1.22 1.79
C CYS A 30 0.18 2.62 2.34
N VAL A 31 1.40 3.08 2.13
CA VAL A 31 1.82 4.40 2.60
C VAL A 31 2.40 5.23 1.46
N TRP A 32 2.37 6.55 1.63
CA TRP A 32 2.89 7.46 0.62
C TRP A 32 4.36 7.17 0.33
N ASP A 33 4.71 7.19 -0.95
CA ASP A 33 6.09 6.94 -1.37
C ASP A 33 6.32 7.40 -2.80
N GLY A 34 7.59 7.58 -3.16
CA GLY A 34 7.93 8.03 -4.50
C GLY A 34 8.00 9.54 -4.60
N THR A 35 8.13 10.21 -3.46
CA THR A 35 8.21 11.66 -3.43
C THR A 35 9.22 12.13 -2.38
N ILE A 36 9.87 13.25 -2.67
CA ILE A 36 10.87 13.80 -1.76
C ILE A 36 10.80 15.34 -1.74
N NH2 A 37 10.80 15.90 -0.54
HN1 NH2 A 37 10.85 15.34 0.25
HN2 NH2 A 37 10.77 16.90 -0.44
N GLY A 1 -8.07 -3.64 -12.44
CA GLY A 1 -8.46 -3.94 -11.08
C GLY A 1 -8.34 -2.75 -10.17
N ASP A 2 -8.93 -2.85 -8.98
CA ASP A 2 -8.89 -1.76 -8.00
C ASP A 2 -7.66 -1.87 -7.12
N CYS A 3 -7.11 -0.72 -6.73
CA CYS A 3 -5.93 -0.68 -5.88
C CYS A 3 -6.32 -0.53 -4.42
N HIS A 4 -5.52 -1.13 -3.54
CA HIS A 4 -5.78 -1.06 -2.10
C HIS A 4 -5.87 0.38 -1.63
N LYS A 5 -6.95 0.71 -0.93
CA LYS A 5 -7.16 2.06 -0.42
C LYS A 5 -6.04 2.45 0.55
N PHE A 6 -5.85 3.76 0.71
CA PHE A 6 -4.81 4.27 1.61
C PHE A 6 -5.02 3.74 3.02
N LEU A 7 -3.92 3.47 3.72
CA LEU A 7 -3.98 2.96 5.08
C LEU A 7 -4.89 1.75 5.17
N GLY A 8 -4.94 0.95 4.10
CA GLY A 8 -5.78 -0.23 4.08
C GLY A 8 -5.16 -1.40 4.82
N TRP A 9 -4.88 -2.47 4.08
CA TRP A 9 -4.28 -3.66 4.67
C TRP A 9 -3.34 -4.35 3.68
N CYS A 10 -2.07 -4.48 4.08
CA CYS A 10 -1.08 -5.13 3.22
C CYS A 10 -0.69 -6.49 3.77
N ARG A 11 -0.65 -6.60 5.09
CA ARG A 11 -0.28 -7.86 5.74
C ARG A 11 -1.15 -9.01 5.22
N GLY A 12 -0.49 -10.05 4.73
CA GLY A 12 -1.22 -11.20 4.21
C GLY A 12 -1.45 -11.10 2.71
N GLU A 13 -1.62 -9.89 2.21
CA GLU A 13 -1.86 -9.66 0.79
C GLU A 13 -0.61 -9.09 0.12
N LYS A 14 -0.11 -9.80 -0.89
CA LYS A 14 1.08 -9.36 -1.62
C LYS A 14 0.70 -8.73 -2.95
N ASP A 15 -0.17 -7.73 -2.90
CA ASP A 15 -0.61 -7.05 -4.11
C ASP A 15 -0.16 -5.59 -4.11
N PRO A 16 -0.14 -4.97 -5.30
CA PRO A 16 0.28 -3.57 -5.45
C PRO A 16 -0.74 -2.60 -4.87
N CYS A 17 -0.28 -1.38 -4.59
CA CYS A 17 -1.14 -0.35 -4.02
C CYS A 17 -1.48 0.72 -5.05
N CYS A 18 -2.17 1.77 -4.61
CA CYS A 18 -2.55 2.85 -5.50
C CYS A 18 -1.33 3.67 -5.92
N GLU A 19 -1.57 4.76 -6.64
CA GLU A 19 -0.49 5.63 -7.10
C GLU A 19 0.22 6.29 -5.91
N HIS A 20 1.53 6.40 -6.02
CA HIS A 20 2.34 7.01 -4.96
C HIS A 20 2.17 6.25 -3.65
N LEU A 21 2.09 4.93 -3.74
CA LEU A 21 1.92 4.08 -2.56
C LEU A 21 2.76 2.82 -2.68
N THR A 22 3.02 2.19 -1.53
CA THR A 22 3.81 0.96 -1.51
C THR A 22 3.32 0.00 -0.43
N CYS A 23 3.02 -1.23 -0.81
CA CYS A 23 2.54 -2.23 0.14
C CYS A 23 3.51 -2.38 1.31
N HIS A 24 3.14 -1.83 2.45
CA HIS A 24 3.98 -1.91 3.65
C HIS A 24 3.74 -3.23 4.39
N VAL A 25 4.78 -4.06 4.46
CA VAL A 25 4.69 -5.34 5.14
C VAL A 25 4.69 -5.16 6.66
N LYS A 26 5.67 -4.43 7.16
CA LYS A 26 5.78 -4.17 8.59
C LYS A 26 4.52 -3.48 9.12
N HIS A 27 4.31 -2.24 8.70
CA HIS A 27 3.15 -1.47 9.14
C HIS A 27 1.86 -2.24 8.85
N GLY A 28 1.70 -2.69 7.61
CA GLY A 28 0.52 -3.43 7.24
C GLY A 28 -0.50 -2.56 6.53
N TRP A 29 -0.04 -1.60 5.76
CA TRP A 29 -0.92 -0.69 5.03
C TRP A 29 -0.13 0.18 4.06
N CYS A 30 -0.70 0.42 2.90
CA CYS A 30 -0.05 1.24 1.88
C CYS A 30 0.25 2.64 2.42
N VAL A 31 1.48 3.10 2.20
CA VAL A 31 1.90 4.42 2.67
C VAL A 31 2.47 5.25 1.52
N TRP A 32 2.41 6.57 1.67
CA TRP A 32 2.91 7.48 0.65
C TRP A 32 4.34 7.12 0.26
N ASP A 33 4.69 7.39 -1.00
CA ASP A 33 6.03 7.09 -1.49
C ASP A 33 6.26 7.76 -2.85
N GLY A 34 7.53 7.99 -3.17
CA GLY A 34 7.87 8.62 -4.44
C GLY A 34 8.32 10.05 -4.27
N THR A 35 7.90 10.68 -3.18
CA THR A 35 8.27 12.06 -2.90
C THR A 35 9.37 12.15 -1.84
N ILE A 36 10.23 13.14 -1.97
CA ILE A 36 11.32 13.33 -1.02
C ILE A 36 11.03 14.49 -0.07
N NH2 A 37 11.58 14.40 1.14
HN1 NH2 A 37 12.14 13.63 1.36
HN2 NH2 A 37 11.45 15.12 1.83
N GLY A 1 -6.49 -4.64 -11.64
CA GLY A 1 -7.74 -4.21 -11.07
C GLY A 1 -7.61 -2.95 -10.23
N ASP A 2 -8.58 -2.71 -9.36
CA ASP A 2 -8.56 -1.54 -8.50
C ASP A 2 -7.35 -1.58 -7.56
N CYS A 3 -6.95 -0.41 -7.08
CA CYS A 3 -5.82 -0.31 -6.17
C CYS A 3 -6.28 -0.16 -4.72
N HIS A 4 -5.60 -0.85 -3.81
CA HIS A 4 -5.94 -0.80 -2.40
C HIS A 4 -5.96 0.63 -1.89
N LYS A 5 -7.02 0.99 -1.18
CA LYS A 5 -7.16 2.34 -0.63
C LYS A 5 -6.08 2.63 0.40
N PHE A 6 -5.81 3.91 0.63
CA PHE A 6 -4.79 4.31 1.59
C PHE A 6 -5.03 3.65 2.94
N LEU A 7 -3.94 3.35 3.65
CA LEU A 7 -4.02 2.72 4.96
C LEU A 7 -4.83 1.43 4.88
N GLY A 8 -4.70 0.71 3.76
CA GLY A 8 -5.41 -0.53 3.60
C GLY A 8 -4.86 -1.64 4.45
N TRP A 9 -4.67 -2.82 3.85
CA TRP A 9 -4.15 -3.97 4.58
C TRP A 9 -3.25 -4.81 3.67
N CYS A 10 -1.99 -4.96 4.08
CA CYS A 10 -1.03 -5.74 3.30
C CYS A 10 -0.70 -7.05 4.02
N ARG A 11 -0.67 -7.01 5.34
CA ARG A 11 -0.37 -8.19 6.14
C ARG A 11 -1.26 -9.36 5.73
N GLY A 12 -0.64 -10.42 5.21
CA GLY A 12 -1.40 -11.58 4.79
C GLY A 12 -1.59 -11.64 3.29
N GLU A 13 -1.71 -10.46 2.67
CA GLU A 13 -1.91 -10.39 1.22
C GLU A 13 -0.66 -9.84 0.53
N LYS A 14 -0.62 -9.96 -0.79
CA LYS A 14 0.51 -9.48 -1.56
C LYS A 14 0.06 -8.80 -2.85
N ASP A 15 -0.67 -7.69 -2.69
CA ASP A 15 -1.18 -6.95 -3.84
C ASP A 15 -0.56 -5.55 -3.90
N PRO A 16 -0.61 -4.93 -5.08
CA PRO A 16 -0.05 -3.59 -5.30
C PRO A 16 -0.85 -2.51 -4.59
N CYS A 17 -0.48 -1.26 -4.81
CA CYS A 17 -1.17 -0.13 -4.20
C CYS A 17 -1.47 0.96 -5.23
N CYS A 18 -2.16 2.01 -4.78
CA CYS A 18 -2.51 3.12 -5.67
C CYS A 18 -1.27 3.92 -6.04
N GLU A 19 -1.48 5.02 -6.76
CA GLU A 19 -0.38 5.88 -7.19
C GLU A 19 0.30 6.53 -5.98
N HIS A 20 1.62 6.58 -6.02
CA HIS A 20 2.40 7.17 -4.93
C HIS A 20 2.20 6.39 -3.63
N LEU A 21 2.17 5.07 -3.75
CA LEU A 21 1.99 4.19 -2.59
C LEU A 21 2.86 2.95 -2.69
N THR A 22 3.14 2.33 -1.55
CA THR A 22 3.96 1.13 -1.51
C THR A 22 3.50 0.17 -0.43
N CYS A 23 3.16 -1.05 -0.82
CA CYS A 23 2.70 -2.05 0.11
C CYS A 23 3.67 -2.20 1.28
N HIS A 24 3.29 -1.67 2.43
CA HIS A 24 4.13 -1.74 3.63
C HIS A 24 3.95 -3.07 4.34
N VAL A 25 5.02 -3.85 4.40
CA VAL A 25 4.98 -5.15 5.06
C VAL A 25 4.93 -5.00 6.57
N LYS A 26 5.85 -4.23 7.12
CA LYS A 26 5.91 -4.00 8.56
C LYS A 26 4.62 -3.39 9.07
N HIS A 27 4.36 -2.14 8.66
CA HIS A 27 3.15 -1.44 9.07
C HIS A 27 1.90 -2.26 8.74
N GLY A 28 1.81 -2.70 7.49
CA GLY A 28 0.66 -3.48 7.07
C GLY A 28 -0.38 -2.65 6.35
N TRP A 29 0.07 -1.65 5.60
CA TRP A 29 -0.82 -0.78 4.86
C TRP A 29 -0.06 0.14 3.93
N CYS A 30 -0.60 0.39 2.75
CA CYS A 30 0.04 1.26 1.77
C CYS A 30 0.24 2.66 2.33
N VAL A 31 1.44 3.20 2.14
CA VAL A 31 1.77 4.53 2.64
C VAL A 31 2.31 5.41 1.51
N TRP A 32 2.20 6.72 1.69
CA TRP A 32 2.69 7.67 0.69
C TRP A 32 4.17 7.46 0.43
N ASP A 33 4.58 7.65 -0.83
CA ASP A 33 5.97 7.49 -1.21
C ASP A 33 6.26 8.19 -2.53
N GLY A 34 7.36 8.95 -2.57
CA GLY A 34 7.72 9.67 -3.77
C GLY A 34 7.26 11.11 -3.75
N THR A 35 6.96 11.61 -2.55
CA THR A 35 6.50 12.99 -2.40
C THR A 35 7.48 13.80 -1.57
N ILE A 36 7.71 15.04 -1.98
CA ILE A 36 8.63 15.93 -1.27
C ILE A 36 7.92 16.67 -0.14
N NH2 A 37 8.67 17.01 0.89
HN1 NH2 A 37 9.62 16.78 0.90
HN2 NH2 A 37 8.29 17.51 1.68
N GLY A 1 -8.04 -4.16 -12.05
CA GLY A 1 -7.78 -4.51 -10.67
C GLY A 1 -7.65 -3.30 -9.77
N ASP A 2 -8.67 -3.05 -8.96
CA ASP A 2 -8.67 -1.91 -8.05
C ASP A 2 -7.46 -1.95 -7.14
N CYS A 3 -6.96 -0.78 -6.76
CA CYS A 3 -5.80 -0.66 -5.89
C CYS A 3 -6.22 -0.53 -4.43
N HIS A 4 -5.46 -1.15 -3.54
CA HIS A 4 -5.76 -1.10 -2.10
C HIS A 4 -5.88 0.35 -1.64
N LYS A 5 -6.94 0.63 -0.88
CA LYS A 5 -7.17 1.97 -0.37
C LYS A 5 -6.08 2.39 0.60
N PHE A 6 -5.85 3.69 0.71
CA PHE A 6 -4.82 4.22 1.60
C PHE A 6 -5.03 3.71 3.02
N LEU A 7 -3.93 3.44 3.71
CA LEU A 7 -3.98 2.95 5.08
C LEU A 7 -4.91 1.75 5.20
N GLY A 8 -4.96 0.94 4.15
CA GLY A 8 -5.81 -0.23 4.14
C GLY A 8 -5.18 -1.41 4.88
N TRP A 9 -4.91 -2.47 4.15
CA TRP A 9 -4.31 -3.66 4.74
C TRP A 9 -3.37 -4.35 3.74
N CYS A 10 -2.11 -4.47 4.11
CA CYS A 10 -1.12 -5.10 3.26
C CYS A 10 -0.72 -6.47 3.81
N ARG A 11 -0.67 -6.58 5.13
CA ARG A 11 -0.30 -7.84 5.78
C ARG A 11 -1.15 -8.99 5.24
N GLY A 12 -0.49 -10.03 4.74
CA GLY A 12 -1.19 -11.17 4.21
C GLY A 12 -1.42 -11.07 2.71
N GLU A 13 -1.62 -9.84 2.23
CA GLU A 13 -1.85 -9.62 0.81
C GLU A 13 -0.61 -9.03 0.14
N LYS A 14 -0.11 -9.73 -0.87
CA LYS A 14 1.09 -9.28 -1.60
C LYS A 14 0.70 -8.67 -2.94
N ASP A 15 -0.17 -7.68 -2.91
CA ASP A 15 -0.62 -7.01 -4.13
C ASP A 15 -0.17 -5.55 -4.15
N PRO A 16 -0.15 -4.95 -5.35
CA PRO A 16 0.25 -3.56 -5.53
C PRO A 16 -0.76 -2.58 -4.95
N CYS A 17 -0.29 -1.39 -4.59
CA CYS A 17 -1.15 -0.36 -4.01
C CYS A 17 -1.48 0.71 -5.05
N CYS A 18 -2.17 1.75 -4.62
CA CYS A 18 -2.55 2.84 -5.50
C CYS A 18 -1.33 3.66 -5.93
N GLU A 19 -1.57 4.75 -6.65
CA GLU A 19 -0.49 5.61 -7.10
C GLU A 19 0.23 6.26 -5.92
N HIS A 20 1.54 6.38 -6.03
CA HIS A 20 2.34 6.99 -4.97
C HIS A 20 2.18 6.23 -3.66
N LEU A 21 2.09 4.91 -3.76
CA LEU A 21 1.92 4.07 -2.57
C LEU A 21 2.75 2.79 -2.69
N THR A 22 3.01 2.16 -1.56
CA THR A 22 3.80 0.93 -1.54
C THR A 22 3.31 -0.01 -0.43
N CYS A 23 2.98 -1.24 -0.82
CA CYS A 23 2.50 -2.24 0.14
C CYS A 23 3.48 -2.40 1.29
N HIS A 24 3.12 -1.84 2.45
CA HIS A 24 3.97 -1.93 3.63
C HIS A 24 3.74 -3.25 4.38
N VAL A 25 4.77 -4.07 4.44
CA VAL A 25 4.69 -5.35 5.12
C VAL A 25 4.69 -5.18 6.63
N LYS A 26 5.66 -4.44 7.14
CA LYS A 26 5.78 -4.19 8.57
C LYS A 26 4.53 -3.50 9.10
N HIS A 27 4.32 -2.26 8.69
CA HIS A 27 3.17 -1.48 9.11
C HIS A 27 1.87 -2.25 8.84
N GLY A 28 1.71 -2.70 7.60
CA GLY A 28 0.52 -3.44 7.23
C GLY A 28 -0.50 -2.56 6.53
N TRP A 29 -0.04 -1.60 5.75
CA TRP A 29 -0.92 -0.70 5.02
C TRP A 29 -0.12 0.18 4.06
N CYS A 30 -0.71 0.43 2.88
CA CYS A 30 -0.06 1.25 1.87
C CYS A 30 0.25 2.64 2.42
N VAL A 31 1.48 3.10 2.19
CA VAL A 31 1.90 4.42 2.65
C VAL A 31 2.46 5.25 1.51
N TRP A 32 2.40 6.56 1.66
CA TRP A 32 2.90 7.48 0.64
C TRP A 32 4.33 7.13 0.24
N ASP A 33 4.68 7.39 -1.00
CA ASP A 33 6.03 7.10 -1.50
C ASP A 33 6.36 7.98 -2.71
N GLY A 34 7.58 8.50 -2.73
CA GLY A 34 8.00 9.35 -3.83
C GLY A 34 7.81 10.82 -3.52
N THR A 35 6.88 11.12 -2.62
CA THR A 35 6.60 12.50 -2.25
C THR A 35 7.42 12.94 -1.04
N ILE A 36 7.33 14.22 -0.69
CA ILE A 36 8.07 14.75 0.45
C ILE A 36 7.20 15.70 1.26
N NH2 A 37 7.46 15.77 2.56
HN1 NH2 A 37 8.19 15.21 2.93
HN2 NH2 A 37 6.95 16.37 3.17
N GLY A 1 -6.95 -4.50 -11.39
CA GLY A 1 -8.23 -4.02 -10.92
C GLY A 1 -8.10 -2.84 -9.98
N ASP A 2 -8.94 -2.80 -8.94
CA ASP A 2 -8.91 -1.72 -7.96
C ASP A 2 -7.64 -1.79 -7.12
N CYS A 3 -7.14 -0.63 -6.72
CA CYS A 3 -5.94 -0.55 -5.90
C CYS A 3 -6.29 -0.38 -4.42
N HIS A 4 -5.50 -1.02 -3.56
CA HIS A 4 -5.74 -0.94 -2.12
C HIS A 4 -5.80 0.51 -1.66
N LYS A 5 -6.90 0.86 -0.99
CA LYS A 5 -7.09 2.21 -0.50
C LYS A 5 -6.03 2.58 0.53
N PHE A 6 -5.80 3.87 0.71
CA PHE A 6 -4.81 4.35 1.66
C PHE A 6 -5.04 3.73 3.04
N LEU A 7 -3.94 3.42 3.73
CA LEU A 7 -4.02 2.81 5.06
C LEU A 7 -4.91 1.57 5.04
N GLY A 8 -4.92 0.87 3.92
CA GLY A 8 -5.72 -0.33 3.80
C GLY A 8 -5.16 -1.49 4.58
N TRP A 9 -5.04 -2.65 3.93
CA TRP A 9 -4.51 -3.83 4.57
C TRP A 9 -3.61 -4.61 3.63
N CYS A 10 -2.36 -4.79 4.01
CA CYS A 10 -1.39 -5.52 3.20
C CYS A 10 -1.00 -6.84 3.86
N ARG A 11 -0.93 -6.83 5.19
CA ARG A 11 -0.57 -8.03 5.94
C ARG A 11 -1.44 -9.21 5.52
N GLY A 12 -0.82 -10.21 4.91
CA GLY A 12 -1.55 -11.39 4.47
C GLY A 12 -1.68 -11.46 2.96
N GLU A 13 -1.77 -10.29 2.32
CA GLU A 13 -1.91 -10.23 0.87
C GLU A 13 -0.58 -9.85 0.22
N LYS A 14 -0.51 -10.01 -1.10
CA LYS A 14 0.70 -9.68 -1.85
C LYS A 14 0.36 -8.93 -3.13
N ASP A 15 -0.43 -7.87 -3.00
CA ASP A 15 -0.83 -7.07 -4.15
C ASP A 15 -0.26 -5.65 -4.04
N PRO A 16 -0.20 -4.96 -5.18
CA PRO A 16 0.31 -3.58 -5.24
C PRO A 16 -0.63 -2.59 -4.57
N CYS A 17 -0.33 -1.30 -4.73
CA CYS A 17 -1.14 -0.25 -4.14
C CYS A 17 -1.49 0.82 -5.17
N CYS A 18 -2.18 1.87 -4.73
CA CYS A 18 -2.57 2.96 -5.61
C CYS A 18 -1.35 3.78 -6.04
N GLU A 19 -1.60 4.87 -6.75
CA GLU A 19 -0.53 5.74 -7.21
C GLU A 19 0.19 6.40 -6.03
N HIS A 20 1.52 6.42 -6.09
CA HIS A 20 2.31 7.02 -5.03
C HIS A 20 2.14 6.26 -3.72
N LEU A 21 2.07 4.93 -3.81
CA LEU A 21 1.90 4.08 -2.64
C LEU A 21 2.75 2.82 -2.75
N THR A 22 3.04 2.21 -1.61
CA THR A 22 3.85 1.00 -1.57
C THR A 22 3.40 0.06 -0.46
N CYS A 23 3.10 -1.18 -0.81
CA CYS A 23 2.65 -2.17 0.17
C CYS A 23 3.64 -2.28 1.31
N HIS A 24 3.28 -1.71 2.46
CA HIS A 24 4.15 -1.75 3.64
C HIS A 24 3.99 -3.07 4.39
N VAL A 25 5.07 -3.85 4.44
CA VAL A 25 5.05 -5.13 5.12
C VAL A 25 5.02 -4.95 6.64
N LYS A 26 5.96 -4.16 7.14
CA LYS A 26 6.04 -3.90 8.58
C LYS A 26 4.75 -3.28 9.10
N HIS A 27 4.48 -2.05 8.68
CA HIS A 27 3.28 -1.34 9.09
C HIS A 27 2.02 -2.16 8.80
N GLY A 28 1.90 -2.61 7.55
CA GLY A 28 0.76 -3.40 7.15
C GLY A 28 -0.30 -2.58 6.45
N TRP A 29 0.13 -1.59 5.69
CA TRP A 29 -0.79 -0.72 4.96
C TRP A 29 -0.04 0.19 4.01
N CYS A 30 -0.60 0.42 2.83
CA CYS A 30 0.02 1.27 1.83
C CYS A 30 0.23 2.68 2.37
N VAL A 31 1.42 3.23 2.14
CA VAL A 31 1.75 4.57 2.60
C VAL A 31 2.30 5.42 1.46
N TRP A 32 2.14 6.74 1.58
CA TRP A 32 2.62 7.66 0.56
C TRP A 32 4.10 7.43 0.28
N ASP A 33 4.44 7.37 -1.01
CA ASP A 33 5.83 7.15 -1.42
C ASP A 33 6.26 8.21 -2.43
N GLY A 34 5.54 8.32 -3.53
CA GLY A 34 5.87 9.30 -4.55
C GLY A 34 6.55 8.68 -5.74
N THR A 35 7.18 7.53 -5.54
CA THR A 35 7.88 6.83 -6.61
C THR A 35 7.49 5.35 -6.66
N ILE A 36 8.07 4.62 -7.59
CA ILE A 36 7.78 3.19 -7.74
C ILE A 36 8.88 2.49 -8.53
N NH2 A 37 9.27 1.31 -8.07
HN1 NH2 A 37 8.85 0.95 -7.25
HN2 NH2 A 37 9.98 0.78 -8.53
N GLY A 1 -7.70 -2.51 -12.84
CA GLY A 1 -7.64 -3.17 -11.56
C GLY A 1 -7.72 -2.19 -10.40
N ASP A 2 -8.53 -2.53 -9.41
CA ASP A 2 -8.70 -1.67 -8.24
C ASP A 2 -7.45 -1.68 -7.37
N CYS A 3 -7.06 -0.50 -6.88
CA CYS A 3 -5.88 -0.37 -6.04
C CYS A 3 -6.27 -0.23 -4.57
N HIS A 4 -5.50 -0.87 -3.70
CA HIS A 4 -5.77 -0.81 -2.26
C HIS A 4 -5.81 0.64 -1.77
N LYS A 5 -6.86 0.98 -1.05
CA LYS A 5 -7.03 2.34 -0.53
C LYS A 5 -5.97 2.63 0.54
N PHE A 6 -5.70 3.91 0.75
CA PHE A 6 -4.71 4.34 1.73
C PHE A 6 -5.00 3.70 3.10
N LEU A 7 -3.93 3.40 3.83
CA LEU A 7 -4.06 2.79 5.15
C LEU A 7 -4.94 1.54 5.09
N GLY A 8 -4.76 0.75 4.03
CA GLY A 8 -5.54 -0.47 3.87
C GLY A 8 -4.90 -1.65 4.56
N TRP A 9 -4.99 -2.82 3.93
CA TRP A 9 -4.42 -4.04 4.48
C TRP A 9 -3.31 -4.58 3.59
N CYS A 10 -2.18 -4.92 4.19
CA CYS A 10 -1.04 -5.45 3.45
C CYS A 10 -0.54 -6.75 4.08
N ARG A 11 -0.58 -6.81 5.40
CA ARG A 11 -0.14 -8.00 6.12
C ARG A 11 -0.78 -9.26 5.55
N GLY A 12 0.04 -10.11 4.93
CA GLY A 12 -0.46 -11.34 4.36
C GLY A 12 -0.86 -11.17 2.90
N GLU A 13 -1.34 -9.99 2.55
CA GLU A 13 -1.76 -9.70 1.18
C GLU A 13 -0.65 -8.99 0.41
N LYS A 14 -0.22 -9.61 -0.69
CA LYS A 14 0.85 -9.03 -1.52
C LYS A 14 0.28 -8.51 -2.84
N ASP A 15 -0.52 -7.46 -2.75
CA ASP A 15 -1.13 -6.86 -3.94
C ASP A 15 -0.61 -5.44 -4.14
N PRO A 16 -0.75 -4.93 -5.38
CA PRO A 16 -0.30 -3.59 -5.74
C PRO A 16 -1.16 -2.50 -5.11
N CYS A 17 -0.55 -1.37 -4.79
CA CYS A 17 -1.27 -0.25 -4.19
C CYS A 17 -1.55 0.84 -5.22
N CYS A 18 -2.20 1.91 -4.77
CA CYS A 18 -2.54 3.02 -5.65
C CYS A 18 -1.30 3.79 -6.06
N GLU A 19 -1.49 4.90 -6.77
CA GLU A 19 -0.38 5.72 -7.22
C GLU A 19 0.35 6.35 -6.04
N HIS A 20 1.69 6.31 -6.08
CA HIS A 20 2.50 6.88 -5.02
C HIS A 20 2.27 6.12 -3.71
N LEU A 21 2.17 4.80 -3.80
CA LEU A 21 1.96 3.97 -2.63
C LEU A 21 2.77 2.67 -2.72
N THR A 22 3.03 2.06 -1.57
CA THR A 22 3.80 0.82 -1.52
C THR A 22 3.31 -0.08 -0.39
N CYS A 23 2.92 -1.30 -0.74
CA CYS A 23 2.44 -2.26 0.25
C CYS A 23 3.42 -2.40 1.40
N HIS A 24 3.09 -1.80 2.55
CA HIS A 24 3.95 -1.86 3.72
C HIS A 24 3.75 -3.18 4.46
N VAL A 25 4.82 -3.99 4.51
CA VAL A 25 4.77 -5.27 5.20
C VAL A 25 4.72 -5.10 6.71
N LYS A 26 5.66 -4.31 7.23
CA LYS A 26 5.72 -4.06 8.67
C LYS A 26 4.44 -3.41 9.16
N HIS A 27 4.20 -2.17 8.74
CA HIS A 27 3.01 -1.44 9.14
C HIS A 27 1.75 -2.24 8.82
N GLY A 28 1.63 -2.69 7.58
CA GLY A 28 0.47 -3.47 7.17
C GLY A 28 -0.56 -2.64 6.44
N TRP A 29 -0.08 -1.66 5.68
CA TRP A 29 -0.97 -0.79 4.92
C TRP A 29 -0.18 0.10 3.97
N CYS A 30 -0.72 0.33 2.79
CA CYS A 30 -0.06 1.16 1.78
C CYS A 30 0.18 2.57 2.33
N VAL A 31 1.39 3.07 2.13
CA VAL A 31 1.75 4.41 2.60
C VAL A 31 2.36 5.24 1.48
N TRP A 32 2.28 6.56 1.62
CA TRP A 32 2.82 7.47 0.61
C TRP A 32 4.29 7.19 0.37
N ASP A 33 4.70 7.24 -0.90
CA ASP A 33 6.09 6.99 -1.26
C ASP A 33 6.50 7.87 -2.45
N GLY A 34 7.73 8.37 -2.40
CA GLY A 34 8.22 9.22 -3.47
C GLY A 34 8.12 10.70 -3.13
N THR A 35 7.20 11.03 -2.23
CA THR A 35 7.00 12.41 -1.83
C THR A 35 7.36 12.61 -0.35
N ILE A 36 7.66 13.85 0.01
CA ILE A 36 8.02 14.17 1.39
C ILE A 36 7.10 15.26 1.95
N NH2 A 37 6.93 15.26 3.27
HN1 NH2 A 37 7.38 14.57 3.81
HN2 NH2 A 37 6.35 15.93 3.72
#